data_7NUE
#
_entry.id   7NUE
#
_cell.length_a   41.820
_cell.length_b   118.531
_cell.length_c   71.957
_cell.angle_alpha   90.000
_cell.angle_beta   103.060
_cell.angle_gamma   90.000
#
_symmetry.space_group_name_H-M   'P 1 21 1'
#
loop_
_entity.id
_entity.type
_entity.pdbx_description
1 polymer 'Protein arginine N-methyltransferase 6'
2 non-polymer 'methyl 6-[5-[[~{N}-[[(2~{R},3~{S},4~{R},5~{R})-5-(6-aminopurin-9-yl)-3,4-bis(oxidanyl)oxolan-2-yl]methyl]carbamimidoyl]amino]pentylcarbamoylamino]-4-oxidanyl-naphthalene-2-carboxylate'
3 water water
#
_entity_poly.entity_id   1
_entity_poly.type   'polypeptide(L)'
_entity_poly.pdbx_seq_one_letter_code
;MSLSKKRKLESGDSGGAGAGGEGAEEENGGEQEAAPPRPRRTKSERDQLYYECYSDVSVHEEMIADQVRTEAYRLGILKN
WAALRGKTVLDVGAGTGILSIFCAQAGARRVYAVEASAIWQQAREVVRLNGLEDRVHVLPGPVETVELPERVDAIVSEWM
GYGLLHESMLSSVLHARTKWLKEGGLLLPASAELFVAPISDQMLEWRLGFWSQVKQHYGVDMSCMESFATRCLMGHSEIV
VQDLSGEDVLARPQRFAQLELARAGLEQELEAGVGGRFRCSCYGSAPLHGFAVWFQVTFPGGDSEKPLVLSTSPLHPATH
WKQALLYLNEPVPVEQDTDISGEITLLPSPDNPRRLRILLRYKVGDHEEKTKDFAMEDGSENLYFQG
;
_entity_poly.pdbx_strand_id   A,B
#
# COMPACT_ATOMS: atom_id res chain seq x y z
N LYS A 43 0.96 0.92 -24.61
CA LYS A 43 -0.32 0.22 -24.53
C LYS A 43 -0.15 -1.28 -24.29
N SER A 44 0.58 -1.98 -25.16
CA SER A 44 0.73 -3.41 -24.93
C SER A 44 1.45 -3.70 -23.62
N GLU A 45 2.27 -2.76 -23.12
CA GLU A 45 2.83 -2.92 -21.79
C GLU A 45 1.74 -2.83 -20.72
N ARG A 46 0.80 -1.89 -20.88
CA ARG A 46 -0.32 -1.77 -19.94
C ARG A 46 -1.20 -3.01 -19.97
N ASP A 47 -1.56 -3.47 -21.18
CA ASP A 47 -2.41 -4.66 -21.29
C ASP A 47 -1.75 -5.88 -20.65
N GLN A 48 -0.42 -5.98 -20.78
CA GLN A 48 0.31 -7.08 -20.13
C GLN A 48 0.23 -6.96 -18.61
N LEU A 49 0.32 -5.74 -18.08
CA LEU A 49 0.20 -5.53 -16.64
C LEU A 49 -1.18 -5.93 -16.12
N TYR A 50 -2.25 -5.51 -16.81
CA TYR A 50 -3.58 -5.86 -16.33
C TYR A 50 -3.81 -7.37 -16.42
N TYR A 51 -3.32 -7.99 -17.51
CA TYR A 51 -3.41 -9.45 -17.62
C TYR A 51 -2.74 -10.13 -16.43
N GLU A 52 -1.53 -9.67 -16.05
CA GLU A 52 -0.83 -10.31 -14.92
C GLU A 52 -1.54 -10.07 -13.60
N CYS A 53 -2.00 -8.83 -13.37
CA CYS A 53 -2.73 -8.51 -12.15
C CYS A 53 -3.94 -9.43 -11.97
N TYR A 54 -4.80 -9.55 -12.99
CA TYR A 54 -6.03 -10.30 -12.79
C TYR A 54 -5.84 -11.79 -12.99
N SER A 55 -4.70 -12.23 -13.54
CA SER A 55 -4.30 -13.63 -13.49
C SER A 55 -3.85 -14.05 -12.10
N ASP A 56 -3.58 -13.10 -11.19
CA ASP A 56 -3.08 -13.35 -9.85
C ASP A 56 -4.21 -13.31 -8.81
N VAL A 57 -3.98 -13.98 -7.68
CA VAL A 57 -5.04 -14.23 -6.71
C VAL A 57 -5.41 -12.99 -5.90
N SER A 58 -4.47 -12.05 -5.70
CA SER A 58 -4.70 -11.06 -4.67
C SER A 58 -5.86 -10.12 -4.99
N VAL A 59 -6.00 -9.72 -6.26
CA VAL A 59 -7.08 -8.79 -6.59
C VAL A 59 -8.45 -9.48 -6.44
N HIS A 60 -8.53 -10.77 -6.75
CA HIS A 60 -9.79 -11.49 -6.59
C HIS A 60 -10.07 -11.77 -5.12
N GLU A 61 -9.04 -12.05 -4.34
CA GLU A 61 -9.22 -12.16 -2.90
C GLU A 61 -9.72 -10.84 -2.30
N GLU A 62 -9.18 -9.71 -2.76
CA GLU A 62 -9.68 -8.42 -2.29
C GLU A 62 -11.16 -8.22 -2.63
N MET A 63 -11.55 -8.53 -3.87
CA MET A 63 -12.93 -8.25 -4.25
C MET A 63 -13.91 -9.12 -3.49
N ILE A 64 -13.61 -10.42 -3.38
CA ILE A 64 -14.54 -11.33 -2.73
C ILE A 64 -14.56 -11.13 -1.21
N ALA A 65 -13.42 -10.76 -0.63
CA ALA A 65 -13.38 -10.40 0.78
C ALA A 65 -14.08 -9.08 1.07
N ASP A 66 -14.44 -8.31 0.03
CA ASP A 66 -15.22 -7.08 0.21
C ASP A 66 -16.66 -7.53 0.41
N GLN A 67 -17.00 -7.77 1.68
CA GLN A 67 -18.31 -8.33 2.01
C GLN A 67 -19.46 -7.42 1.58
N VAL A 68 -19.32 -6.11 1.79
CA VAL A 68 -20.37 -5.18 1.36
C VAL A 68 -20.64 -5.35 -0.14
N ARG A 69 -19.57 -5.36 -0.93
CA ARG A 69 -19.70 -5.53 -2.37
C ARG A 69 -20.32 -6.87 -2.74
N THR A 70 -19.75 -7.95 -2.23
CA THR A 70 -20.14 -9.28 -2.70
C THR A 70 -21.53 -9.65 -2.21
N GLU A 71 -21.89 -9.26 -0.99
CA GLU A 71 -23.25 -9.47 -0.51
C GLU A 71 -24.26 -8.63 -1.29
N ALA A 72 -23.92 -7.37 -1.59
CA ALA A 72 -24.80 -6.54 -2.41
C ALA A 72 -25.10 -7.19 -3.75
N TYR A 73 -24.09 -7.77 -4.41
CA TYR A 73 -24.33 -8.43 -5.69
C TYR A 73 -25.16 -9.69 -5.51
N ARG A 74 -24.83 -10.49 -4.50
CA ARG A 74 -25.61 -11.69 -4.26
C ARG A 74 -27.08 -11.37 -4.09
N LEU A 75 -27.40 -10.34 -3.33
CA LEU A 75 -28.81 -10.04 -3.05
C LEU A 75 -29.47 -9.36 -4.24
N GLY A 76 -28.75 -8.43 -4.90
CA GLY A 76 -29.27 -7.83 -6.11
C GLY A 76 -29.61 -8.86 -7.17
N ILE A 77 -28.79 -9.91 -7.28
CA ILE A 77 -29.08 -10.99 -8.22
C ILE A 77 -30.25 -11.84 -7.74
N LEU A 78 -30.17 -12.38 -6.53
CA LEU A 78 -31.20 -13.31 -6.05
C LEU A 78 -32.57 -12.64 -5.98
N LYS A 79 -32.64 -11.35 -5.63
CA LYS A 79 -33.94 -10.70 -5.62
C LYS A 79 -34.51 -10.54 -7.03
N ASN A 80 -33.70 -10.76 -8.06
CA ASN A 80 -34.16 -10.64 -9.44
C ASN A 80 -34.45 -12.01 -10.06
N TRP A 81 -34.78 -12.99 -9.22
CA TRP A 81 -35.13 -14.32 -9.71
C TRP A 81 -36.27 -14.26 -10.73
N ALA A 82 -37.25 -13.38 -10.53
CA ALA A 82 -38.38 -13.30 -11.47
C ALA A 82 -37.90 -12.91 -12.87
N ALA A 83 -36.95 -11.96 -12.96
CA ALA A 83 -36.39 -11.60 -14.26
C ALA A 83 -35.43 -12.66 -14.80
N LEU A 84 -34.84 -13.48 -13.94
CA LEU A 84 -33.73 -14.36 -14.34
C LEU A 84 -34.12 -15.82 -14.49
N ARG A 85 -35.16 -16.26 -13.77
CA ARG A 85 -35.64 -17.63 -13.83
C ARG A 85 -35.86 -18.09 -15.27
N GLY A 86 -35.16 -19.15 -15.67
CA GLY A 86 -35.26 -19.69 -17.00
C GLY A 86 -34.62 -18.88 -18.11
N LYS A 87 -33.83 -17.85 -17.78
CA LYS A 87 -33.28 -16.95 -18.79
C LYS A 87 -31.78 -17.13 -18.92
N THR A 88 -31.19 -16.41 -19.87
CA THR A 88 -29.76 -16.46 -20.12
C THR A 88 -29.08 -15.17 -19.65
N VAL A 89 -27.85 -15.31 -19.18
CA VAL A 89 -27.11 -14.22 -18.57
C VAL A 89 -25.71 -14.17 -19.18
N LEU A 90 -25.20 -12.96 -19.42
CA LEU A 90 -23.80 -12.75 -19.76
C LEU A 90 -23.13 -12.04 -18.59
N ASP A 91 -22.09 -12.65 -18.04
CA ASP A 91 -21.33 -12.06 -16.95
C ASP A 91 -20.06 -11.49 -17.59
N VAL A 92 -19.96 -10.15 -17.62
CA VAL A 92 -18.85 -9.47 -18.27
C VAL A 92 -17.70 -9.35 -17.26
N GLY A 93 -16.58 -10.02 -17.54
CA GLY A 93 -15.44 -9.99 -16.65
C GLY A 93 -15.67 -10.81 -15.40
N ALA A 94 -15.94 -12.11 -15.60
CA ALA A 94 -16.47 -12.95 -14.54
C ALA A 94 -15.46 -13.34 -13.47
N GLY A 95 -14.19 -13.05 -13.68
CA GLY A 95 -13.20 -13.35 -12.64
C GLY A 95 -13.18 -14.82 -12.28
N THR A 96 -13.41 -15.10 -10.99
CA THR A 96 -13.52 -16.46 -10.48
C THR A 96 -14.88 -17.09 -10.77
N GLY A 97 -15.83 -16.34 -11.29
CA GLY A 97 -17.12 -16.89 -11.65
C GLY A 97 -18.17 -16.84 -10.56
N ILE A 98 -17.90 -16.19 -9.42
CA ILE A 98 -18.84 -16.22 -8.31
C ILE A 98 -20.17 -15.55 -8.67
N LEU A 99 -20.14 -14.45 -9.43
CA LEU A 99 -21.40 -13.79 -9.77
C LEU A 99 -22.20 -14.63 -10.76
N SER A 100 -21.51 -15.34 -11.65
CA SER A 100 -22.21 -16.18 -12.58
C SER A 100 -22.95 -17.29 -11.84
N ILE A 101 -22.31 -17.82 -10.79
CA ILE A 101 -22.94 -18.84 -9.95
C ILE A 101 -24.10 -18.26 -9.15
N PHE A 102 -23.98 -17.01 -8.68
CA PHE A 102 -25.14 -16.34 -8.07
C PHE A 102 -26.33 -16.30 -9.05
N CYS A 103 -26.06 -15.99 -10.33
CA CYS A 103 -27.13 -16.00 -11.32
C CYS A 103 -27.72 -17.39 -11.50
N ALA A 104 -26.89 -18.42 -11.46
CA ALA A 104 -27.42 -19.78 -11.57
C ALA A 104 -28.30 -20.11 -10.37
N GLN A 105 -27.87 -19.73 -9.16
CA GLN A 105 -28.68 -19.96 -7.97
C GLN A 105 -29.96 -19.14 -7.96
N ALA A 106 -30.01 -18.02 -8.67
CA ALA A 106 -31.27 -17.30 -8.84
C ALA A 106 -32.18 -17.92 -9.89
N GLY A 107 -31.77 -19.01 -10.53
CA GLY A 107 -32.62 -19.69 -11.48
C GLY A 107 -32.33 -19.45 -12.95
N ALA A 108 -31.17 -18.89 -13.31
CA ALA A 108 -30.82 -18.74 -14.71
C ALA A 108 -30.65 -20.10 -15.38
N ARG A 109 -31.09 -20.20 -16.64
CA ARG A 109 -30.93 -21.45 -17.37
C ARG A 109 -29.54 -21.58 -18.00
N ARG A 110 -28.95 -20.47 -18.43
CA ARG A 110 -27.61 -20.46 -19.01
C ARG A 110 -26.89 -19.19 -18.61
N VAL A 111 -25.64 -19.30 -18.17
CA VAL A 111 -24.81 -18.13 -17.88
C VAL A 111 -23.49 -18.26 -18.63
N TYR A 112 -23.13 -17.22 -19.37
CA TYR A 112 -21.82 -17.15 -20.02
C TYR A 112 -20.91 -16.25 -19.20
N ALA A 113 -19.82 -16.82 -18.67
CA ALA A 113 -18.92 -16.14 -17.75
C ALA A 113 -17.66 -15.84 -18.55
N VAL A 114 -17.55 -14.60 -19.03
CA VAL A 114 -16.50 -14.24 -19.98
C VAL A 114 -15.41 -13.53 -19.19
N GLU A 115 -14.17 -14.02 -19.31
CA GLU A 115 -13.08 -13.53 -18.48
C GLU A 115 -11.79 -13.54 -19.31
N ALA A 116 -11.15 -12.38 -19.41
CA ALA A 116 -10.02 -12.20 -20.31
C ALA A 116 -8.73 -12.74 -19.72
N SER A 117 -8.54 -12.60 -18.41
CA SER A 117 -7.26 -12.97 -17.83
C SER A 117 -7.20 -14.47 -17.55
N ALA A 118 -5.99 -14.94 -17.19
CA ALA A 118 -5.74 -16.36 -16.96
C ALA A 118 -6.58 -16.95 -15.83
N ILE A 119 -7.20 -16.12 -14.99
CA ILE A 119 -8.11 -16.58 -13.94
C ILE A 119 -9.34 -17.30 -14.49
N TRP A 120 -9.60 -17.24 -15.80
CA TRP A 120 -10.74 -18.00 -16.32
C TRP A 120 -10.58 -19.48 -16.05
N GLN A 121 -9.33 -19.97 -15.98
CA GLN A 121 -9.12 -21.39 -15.70
C GLN A 121 -9.52 -21.75 -14.28
N GLN A 122 -9.32 -20.84 -13.33
CA GLN A 122 -9.79 -21.08 -11.96
C GLN A 122 -11.30 -20.97 -11.88
N ALA A 123 -11.90 -20.02 -12.60
CA ALA A 123 -13.35 -19.97 -12.70
C ALA A 123 -13.94 -21.27 -13.26
N ARG A 124 -13.32 -21.84 -14.31
CA ARG A 124 -13.82 -23.12 -14.81
C ARG A 124 -13.84 -24.18 -13.71
N GLU A 125 -12.75 -24.25 -12.94
CA GLU A 125 -12.65 -25.22 -11.86
C GLU A 125 -13.71 -24.97 -10.80
N VAL A 126 -13.92 -23.69 -10.45
CA VAL A 126 -14.92 -23.33 -9.44
C VAL A 126 -16.33 -23.73 -9.89
N VAL A 127 -16.66 -23.43 -11.13
CA VAL A 127 -17.97 -23.80 -11.66
C VAL A 127 -18.15 -25.32 -11.62
N ARG A 128 -17.13 -26.04 -12.07
CA ARG A 128 -17.16 -27.51 -12.06
C ARG A 128 -17.28 -28.07 -10.63
N LEU A 129 -16.57 -27.47 -9.68
CA LEU A 129 -16.62 -27.91 -8.28
C LEU A 129 -18.02 -27.79 -7.69
N ASN A 130 -18.77 -26.77 -8.10
CA ASN A 130 -20.14 -26.55 -7.62
C ASN A 130 -21.17 -27.30 -8.45
N GLY A 131 -20.74 -28.17 -9.36
CA GLY A 131 -21.67 -28.94 -10.17
C GLY A 131 -22.46 -28.13 -11.16
N LEU A 132 -21.92 -26.99 -11.64
CA LEU A 132 -22.71 -26.07 -12.43
C LEU A 132 -22.24 -25.90 -13.87
N GLU A 133 -21.31 -26.72 -14.38
CA GLU A 133 -20.77 -26.41 -15.69
C GLU A 133 -21.75 -26.66 -16.83
N ASP A 134 -22.84 -27.39 -16.60
CA ASP A 134 -23.87 -27.50 -17.64
C ASP A 134 -24.64 -26.18 -17.79
N ARG A 135 -24.74 -25.38 -16.74
CA ARG A 135 -25.51 -24.16 -16.80
C ARG A 135 -24.62 -22.93 -17.00
N VAL A 136 -23.45 -22.94 -16.36
CA VAL A 136 -22.53 -21.81 -16.38
C VAL A 136 -21.35 -22.20 -17.25
N HIS A 137 -21.12 -21.46 -18.33
CA HIS A 137 -20.11 -21.76 -19.33
C HIS A 137 -19.04 -20.68 -19.25
N VAL A 138 -17.87 -21.02 -18.69
CA VAL A 138 -16.79 -20.05 -18.61
C VAL A 138 -16.10 -19.96 -19.96
N LEU A 139 -15.96 -18.74 -20.46
CA LEU A 139 -15.39 -18.48 -21.79
C LEU A 139 -14.21 -17.54 -21.64
N PRO A 140 -13.02 -17.89 -22.10
CA PRO A 140 -11.88 -16.99 -21.99
C PRO A 140 -11.95 -15.88 -23.02
N GLY A 141 -11.19 -14.81 -22.76
CA GLY A 141 -10.89 -13.83 -23.79
C GLY A 141 -11.76 -12.61 -23.53
N PRO A 142 -11.51 -11.53 -24.27
CA PRO A 142 -12.29 -10.30 -24.03
C PRO A 142 -13.73 -10.46 -24.51
N VAL A 143 -14.65 -9.80 -23.79
CA VAL A 143 -16.05 -9.86 -24.20
C VAL A 143 -16.24 -9.25 -25.59
N GLU A 144 -15.33 -8.37 -25.99
CA GLU A 144 -15.45 -7.69 -27.28
C GLU A 144 -15.26 -8.64 -28.47
N THR A 145 -14.60 -9.80 -28.30
CA THR A 145 -14.45 -10.74 -29.41
C THR A 145 -14.99 -12.13 -29.10
N VAL A 146 -15.61 -12.32 -27.94
CA VAL A 146 -16.24 -13.59 -27.63
C VAL A 146 -17.40 -13.83 -28.60
N GLU A 147 -17.67 -15.11 -28.88
CA GLU A 147 -18.84 -15.51 -29.66
C GLU A 147 -19.82 -16.24 -28.76
N LEU A 148 -20.98 -15.75 -28.67
CA LEU A 148 -21.98 -16.44 -27.89
C LEU A 148 -22.96 -17.16 -28.81
N PRO A 149 -23.53 -18.26 -28.33
CA PRO A 149 -24.55 -18.97 -29.12
C PRO A 149 -25.76 -18.11 -29.44
N GLU A 150 -26.00 -17.04 -28.69
CA GLU A 150 -27.30 -16.42 -28.64
C GLU A 150 -27.16 -15.05 -27.98
N ARG A 151 -28.06 -14.12 -28.32
CA ARG A 151 -28.21 -12.92 -27.50
C ARG A 151 -28.77 -13.34 -26.14
N VAL A 152 -28.47 -12.56 -25.10
CA VAL A 152 -28.82 -12.94 -23.75
C VAL A 152 -29.92 -12.03 -23.19
N ASP A 153 -30.60 -12.54 -22.15
CA ASP A 153 -31.69 -11.81 -21.50
C ASP A 153 -31.19 -10.79 -20.48
N ALA A 154 -30.02 -11.04 -19.91
CA ALA A 154 -29.50 -10.24 -18.81
C ALA A 154 -27.99 -10.17 -18.95
N ILE A 155 -27.44 -9.02 -18.54
CA ILE A 155 -26.01 -8.87 -18.31
C ILE A 155 -25.80 -8.58 -16.83
N VAL A 156 -24.83 -9.24 -16.22
CA VAL A 156 -24.36 -8.88 -14.89
C VAL A 156 -22.89 -8.50 -14.98
N SER A 157 -22.45 -7.51 -14.20
CA SER A 157 -21.03 -7.23 -14.18
C SER A 157 -20.69 -6.40 -12.95
N GLU A 158 -19.54 -6.74 -12.32
CA GLU A 158 -18.89 -5.88 -11.32
C GLU A 158 -17.71 -5.25 -12.03
N TRP A 159 -17.92 -4.01 -12.47
CA TRP A 159 -17.05 -3.34 -13.43
C TRP A 159 -16.42 -2.06 -12.91
N MET A 160 -16.74 -1.68 -11.66
CA MET A 160 -16.45 -0.33 -11.17
C MET A 160 -15.00 -0.26 -10.69
N GLY A 161 -14.34 0.88 -10.96
CA GLY A 161 -13.01 1.14 -10.45
C GLY A 161 -12.98 2.22 -9.38
N TYR A 162 -11.76 2.56 -8.94
CA TYR A 162 -11.61 3.68 -8.02
C TYR A 162 -12.18 4.94 -8.66
N GLY A 163 -12.89 5.74 -7.86
CA GLY A 163 -13.57 6.90 -8.43
C GLY A 163 -14.54 6.55 -9.54
N LEU A 164 -15.14 5.34 -9.47
CA LEU A 164 -15.99 4.73 -10.48
C LEU A 164 -15.27 4.38 -11.79
N LEU A 165 -14.59 5.32 -12.41
CA LEU A 165 -14.16 5.18 -13.80
C LEU A 165 -12.65 5.05 -14.00
N HIS A 166 -11.86 4.96 -12.95
CA HIS A 166 -10.44 4.68 -13.12
C HIS A 166 -10.26 3.21 -13.47
N GLU A 167 -9.66 2.94 -14.63
CA GLU A 167 -9.38 1.57 -15.07
C GLU A 167 -10.60 0.65 -14.94
N SER A 168 -11.78 1.17 -15.30
CA SER A 168 -13.00 0.39 -15.11
C SER A 168 -13.26 -0.48 -16.33
N MET A 169 -14.23 -1.38 -16.18
CA MET A 169 -14.73 -2.25 -17.23
C MET A 169 -15.96 -1.68 -17.93
N LEU A 170 -16.30 -0.42 -17.66
CA LEU A 170 -17.57 0.10 -18.16
C LEU A 170 -17.65 0.00 -19.68
N SER A 171 -16.58 0.34 -20.40
CA SER A 171 -16.72 0.32 -21.86
C SER A 171 -16.95 -1.10 -22.38
N SER A 172 -16.39 -2.11 -21.69
CA SER A 172 -16.67 -3.48 -22.09
C SER A 172 -18.11 -3.85 -21.82
N VAL A 173 -18.66 -3.39 -20.69
CA VAL A 173 -20.07 -3.66 -20.39
C VAL A 173 -20.95 -3.04 -21.45
N LEU A 174 -20.65 -1.80 -21.85
CA LEU A 174 -21.47 -1.12 -22.86
C LEU A 174 -21.33 -1.79 -24.23
N HIS A 175 -20.12 -2.21 -24.58
CA HIS A 175 -19.91 -2.99 -25.81
C HIS A 175 -20.77 -4.26 -25.80
N ALA A 176 -20.71 -5.01 -24.70
CA ALA A 176 -21.52 -6.22 -24.57
C ALA A 176 -23.01 -5.93 -24.65
N ARG A 177 -23.47 -4.86 -24.00
CA ARG A 177 -24.89 -4.53 -24.06
C ARG A 177 -25.33 -4.32 -25.50
N THR A 178 -24.53 -3.56 -26.26
CA THR A 178 -24.84 -3.30 -27.66
C THR A 178 -24.88 -4.60 -28.49
N LYS A 179 -23.86 -5.45 -28.32
CA LYS A 179 -23.67 -6.62 -29.18
C LYS A 179 -24.54 -7.80 -28.79
N TRP A 180 -24.77 -8.01 -27.49
CA TRP A 180 -25.28 -9.30 -27.01
C TRP A 180 -26.54 -9.23 -26.19
N LEU A 181 -26.93 -8.08 -25.65
CA LEU A 181 -28.15 -8.02 -24.86
C LEU A 181 -29.36 -7.90 -25.77
N LYS A 182 -30.38 -8.71 -25.51
CA LYS A 182 -31.63 -8.58 -26.26
C LYS A 182 -32.26 -7.23 -26.00
N GLU A 183 -33.07 -6.77 -26.95
CA GLU A 183 -33.84 -5.54 -26.74
C GLU A 183 -34.73 -5.69 -25.52
N GLY A 184 -34.73 -4.67 -24.68
CA GLY A 184 -35.50 -4.71 -23.44
C GLY A 184 -34.86 -5.50 -22.32
N GLY A 185 -33.64 -6.01 -22.51
CA GLY A 185 -33.01 -6.87 -21.53
C GLY A 185 -32.63 -6.13 -20.26
N LEU A 186 -32.05 -6.88 -19.33
CA LEU A 186 -31.80 -6.45 -17.97
C LEU A 186 -30.31 -6.21 -17.76
N LEU A 187 -29.97 -5.15 -17.05
CA LEU A 187 -28.60 -4.91 -16.63
C LEU A 187 -28.51 -4.92 -15.12
N LEU A 188 -27.52 -5.64 -14.58
CA LEU A 188 -27.34 -5.81 -13.14
C LEU A 188 -25.91 -5.44 -12.78
N PRO A 189 -25.69 -4.34 -12.05
CA PRO A 189 -26.66 -3.29 -11.71
C PRO A 189 -27.15 -2.52 -12.93
N ALA A 190 -28.15 -1.69 -12.73
CA ALA A 190 -28.73 -0.95 -13.83
C ALA A 190 -28.13 0.44 -13.99
N SER A 191 -27.64 1.03 -12.92
CA SER A 191 -27.16 2.40 -13.03
C SER A 191 -26.07 2.64 -11.99
N ALA A 192 -25.34 3.73 -12.19
CA ALA A 192 -24.36 4.21 -11.23
C ALA A 192 -24.60 5.69 -10.97
N GLU A 193 -24.40 6.11 -9.73
CA GLU A 193 -24.60 7.50 -9.32
C GLU A 193 -23.34 8.00 -8.63
N LEU A 194 -22.94 9.22 -8.96
CA LEU A 194 -21.71 9.83 -8.43
C LEU A 194 -22.08 10.94 -7.46
N PHE A 195 -21.32 11.03 -6.36
CA PHE A 195 -21.59 11.93 -5.25
C PHE A 195 -20.32 12.71 -4.93
N VAL A 196 -20.50 13.94 -4.44
CA VAL A 196 -19.37 14.73 -3.96
C VAL A 196 -19.75 15.40 -2.65
N ALA A 197 -18.76 15.61 -1.78
CA ALA A 197 -19.01 16.36 -0.58
C ALA A 197 -17.70 17.04 -0.20
N PRO A 198 -17.75 18.29 0.26
CA PRO A 198 -16.55 18.87 0.89
C PRO A 198 -16.19 18.11 2.15
N ILE A 199 -14.89 18.09 2.45
CA ILE A 199 -14.38 17.29 3.56
C ILE A 199 -13.36 18.07 4.37
N SER A 200 -13.32 17.74 5.64
CA SER A 200 -12.21 18.11 6.53
C SER A 200 -11.64 16.77 6.98
N ASP A 201 -10.53 16.38 6.36
CA ASP A 201 -9.97 15.05 6.53
C ASP A 201 -9.19 15.00 7.83
N GLN A 202 -9.75 14.29 8.82
CA GLN A 202 -9.11 14.19 10.13
C GLN A 202 -7.72 13.58 10.02
N MET A 203 -7.55 12.63 9.11
CA MET A 203 -6.23 12.02 8.97
C MET A 203 -5.23 13.03 8.42
N LEU A 204 -5.63 13.81 7.41
CA LEU A 204 -4.73 14.82 6.88
C LEU A 204 -4.41 15.89 7.94
N GLU A 205 -5.43 16.30 8.71
CA GLU A 205 -5.20 17.24 9.79
C GLU A 205 -4.10 16.75 10.73
N TRP A 206 -4.17 15.48 11.12
CA TRP A 206 -3.18 14.85 11.97
C TRP A 206 -1.79 14.89 11.35
N ARG A 207 -1.67 14.43 10.10
CA ARG A 207 -0.40 14.46 9.40
C ARG A 207 0.15 15.87 9.30
N LEU A 208 -0.72 16.86 9.09
CA LEU A 208 -0.26 18.25 9.00
C LEU A 208 0.14 18.79 10.38
N GLY A 209 -0.61 18.44 11.44
CA GLY A 209 -0.26 18.85 12.78
C GLY A 209 0.86 18.04 13.43
N PHE A 210 1.28 16.96 12.78
CA PHE A 210 2.32 16.08 13.33
C PHE A 210 3.56 16.86 13.76
N TRP A 211 4.02 17.77 12.91
CA TRP A 211 5.27 18.47 13.13
C TRP A 211 5.22 19.35 14.38
N SER A 212 4.11 20.05 14.59
CA SER A 212 3.93 20.84 15.80
C SER A 212 3.86 19.98 17.04
N GLN A 213 3.57 18.69 16.89
CA GLN A 213 3.48 17.79 18.03
C GLN A 213 4.80 17.10 18.38
N VAL A 214 5.83 17.26 17.55
CA VAL A 214 7.10 16.59 17.85
C VAL A 214 7.66 17.07 19.18
N LYS A 215 7.63 18.39 19.42
CA LYS A 215 8.31 18.91 20.61
C LYS A 215 7.77 18.26 21.88
N GLN A 216 6.46 18.00 21.91
CA GLN A 216 5.84 17.47 23.13
C GLN A 216 6.33 16.06 23.41
N HIS A 217 6.59 15.27 22.35
CA HIS A 217 7.08 13.91 22.52
C HIS A 217 8.58 13.84 22.70
N TYR A 218 9.34 14.60 21.89
CA TYR A 218 10.80 14.41 21.79
C TYR A 218 11.61 15.66 22.13
N GLY A 219 10.98 16.78 22.42
CA GLY A 219 11.73 17.92 22.88
C GLY A 219 12.38 18.76 21.79
N VAL A 220 12.13 18.42 20.53
CA VAL A 220 12.67 19.15 19.39
C VAL A 220 11.51 19.91 18.76
N ASP A 221 11.64 21.22 18.65
CA ASP A 221 10.59 22.00 17.99
C ASP A 221 10.66 21.80 16.48
N MET A 222 9.59 21.31 15.89
CA MET A 222 9.60 21.11 14.45
C MET A 222 8.40 21.78 13.79
N SER A 223 7.75 22.70 14.49
CA SER A 223 6.56 23.36 13.96
C SER A 223 6.84 24.09 12.65
N CYS A 224 8.09 24.51 12.42
CA CYS A 224 8.41 25.16 11.15
C CYS A 224 8.29 24.23 9.95
N MET A 225 8.10 22.93 10.15
CA MET A 225 7.88 21.98 9.06
C MET A 225 6.45 22.03 8.51
N GLU A 226 5.53 22.75 9.15
CA GLU A 226 4.10 22.61 8.83
C GLU A 226 3.80 23.08 7.41
N SER A 227 4.32 24.24 7.02
CA SER A 227 4.08 24.74 5.67
C SER A 227 4.64 23.77 4.64
N PHE A 228 5.83 23.27 4.89
CA PHE A 228 6.43 22.29 3.99
C PHE A 228 5.56 21.05 3.86
N ALA A 229 5.04 20.53 4.97
CA ALA A 229 4.21 19.32 4.89
C ALA A 229 2.92 19.58 4.12
N THR A 230 2.39 20.80 4.23
CA THR A 230 1.14 21.14 3.57
C THR A 230 1.31 21.14 2.05
N ARG A 231 2.39 21.77 1.57
CA ARG A 231 2.70 21.76 0.15
C ARG A 231 2.87 20.33 -0.38
N CYS A 232 3.57 19.49 0.36
CA CYS A 232 3.75 18.11 -0.08
C CYS A 232 2.42 17.37 -0.10
N LEU A 233 1.63 17.52 0.95
CA LEU A 233 0.45 16.68 1.15
C LEU A 233 -0.77 17.20 0.40
N MET A 234 -0.81 18.48 0.06
CA MET A 234 -1.95 19.10 -0.60
C MET A 234 -1.62 19.82 -1.91
N GLY A 235 -0.36 20.17 -2.17
CA GLY A 235 -0.02 20.92 -3.37
C GLY A 235 0.02 20.08 -4.64
N HIS A 236 0.20 18.77 -4.54
CA HIS A 236 0.15 17.87 -5.69
C HIS A 236 -1.22 17.92 -6.37
N SER A 237 -1.32 17.24 -7.52
CA SER A 237 -2.56 17.16 -8.29
C SER A 237 -2.96 15.71 -8.53
N GLU A 238 -2.69 14.84 -7.58
CA GLU A 238 -3.07 13.45 -7.68
C GLU A 238 -4.40 13.22 -6.98
N ILE A 239 -5.20 12.31 -7.55
CA ILE A 239 -6.36 11.80 -6.82
C ILE A 239 -5.85 10.87 -5.73
N VAL A 240 -6.33 11.08 -4.49
CA VAL A 240 -5.95 10.24 -3.37
C VAL A 240 -7.09 9.29 -3.04
N VAL A 241 -6.80 7.99 -3.01
CA VAL A 241 -7.79 7.00 -2.67
C VAL A 241 -7.62 6.68 -1.21
N GLN A 242 -8.52 7.16 -0.38
CA GLN A 242 -8.38 6.99 1.04
C GLN A 242 -9.75 6.78 1.66
N ASP A 243 -9.78 6.05 2.75
CA ASP A 243 -10.99 5.82 3.52
C ASP A 243 -11.29 7.04 4.39
N LEU A 244 -12.49 7.59 4.27
CA LEU A 244 -12.99 8.62 5.16
C LEU A 244 -14.08 8.07 6.06
N SER A 245 -14.36 8.80 7.13
CA SER A 245 -15.48 8.54 8.01
C SER A 245 -16.49 9.67 7.90
N GLY A 246 -17.71 9.40 8.35
CA GLY A 246 -18.75 10.41 8.26
C GLY A 246 -18.36 11.72 8.92
N GLU A 247 -17.48 11.66 9.90
CA GLU A 247 -17.06 12.87 10.60
C GLU A 247 -16.28 13.81 9.70
N ASP A 248 -15.72 13.31 8.61
CA ASP A 248 -14.95 14.15 7.70
C ASP A 248 -15.84 14.97 6.79
N VAL A 249 -17.14 14.66 6.73
CA VAL A 249 -18.04 15.24 5.75
C VAL A 249 -18.51 16.60 6.25
N LEU A 250 -18.23 17.63 5.46
CA LEU A 250 -18.47 19.01 5.89
C LEU A 250 -19.81 19.59 5.43
N ALA A 251 -20.55 18.90 4.57
CA ALA A 251 -21.86 19.38 4.12
C ALA A 251 -22.62 18.20 3.55
N ARG A 252 -23.94 18.39 3.37
CA ARG A 252 -24.77 17.36 2.77
C ARG A 252 -24.13 16.88 1.46
N PRO A 253 -23.91 15.58 1.29
CA PRO A 253 -23.38 15.08 0.01
C PRO A 253 -24.35 15.33 -1.13
N GLN A 254 -23.79 15.64 -2.31
CA GLN A 254 -24.57 16.04 -3.47
C GLN A 254 -24.36 15.05 -4.62
N ARG A 255 -25.45 14.52 -5.17
CA ARG A 255 -25.36 13.70 -6.36
C ARG A 255 -25.10 14.60 -7.57
N PHE A 256 -24.02 14.34 -8.30
CA PHE A 256 -23.74 15.23 -9.42
C PHE A 256 -23.79 14.53 -10.77
N ALA A 257 -23.97 13.22 -10.82
CA ALA A 257 -24.10 12.57 -12.11
C ALA A 257 -24.73 11.20 -11.91
N GLN A 258 -25.33 10.70 -12.98
CA GLN A 258 -26.01 9.41 -12.99
C GLN A 258 -25.81 8.77 -14.34
N LEU A 259 -25.34 7.51 -14.33
CA LEU A 259 -25.10 6.74 -15.56
C LEU A 259 -26.14 5.62 -15.65
N GLU A 260 -27.02 5.72 -16.65
CA GLU A 260 -28.03 4.71 -16.94
C GLU A 260 -27.45 3.77 -17.96
N LEU A 261 -27.08 2.55 -17.53
CA LEU A 261 -26.24 1.69 -18.37
C LEU A 261 -26.97 1.24 -19.62
N ALA A 262 -28.30 1.23 -19.62
CA ALA A 262 -29.07 0.79 -20.78
C ALA A 262 -29.11 1.80 -21.91
N ARG A 263 -28.70 3.04 -21.68
CA ARG A 263 -28.77 4.09 -22.70
C ARG A 263 -27.68 3.92 -23.75
N ALA A 264 -28.07 3.85 -25.01
CA ALA A 264 -27.08 3.93 -26.08
C ALA A 264 -26.52 5.35 -26.14
N GLY A 265 -25.26 5.47 -26.54
CA GLY A 265 -24.61 6.76 -26.51
C GLY A 265 -24.05 7.19 -25.17
N LEU A 266 -24.28 6.41 -24.11
CA LEU A 266 -23.54 6.66 -22.86
C LEU A 266 -22.04 6.52 -23.09
N GLU A 267 -21.62 5.64 -24.02
CA GLU A 267 -20.20 5.51 -24.32
C GLU A 267 -19.63 6.81 -24.90
N GLN A 268 -20.42 7.54 -25.69
CA GLN A 268 -19.92 8.81 -26.24
C GLN A 268 -19.80 9.88 -25.16
N GLU A 269 -20.67 9.82 -24.13
CA GLU A 269 -20.56 10.76 -23.04
C GLU A 269 -19.31 10.54 -22.21
N LEU A 270 -18.84 9.28 -22.10
CA LEU A 270 -17.63 8.98 -21.35
C LEU A 270 -16.43 9.70 -21.91
N GLU A 271 -16.32 9.80 -23.23
CA GLU A 271 -15.20 10.47 -23.84
C GLU A 271 -15.24 11.98 -23.57
N ALA A 272 -16.42 12.59 -23.69
CA ALA A 272 -16.57 14.01 -23.41
C ALA A 272 -16.51 14.34 -21.92
N GLY A 273 -16.70 13.34 -21.05
CA GLY A 273 -16.63 13.55 -19.62
C GLY A 273 -17.94 13.33 -18.89
N VAL A 274 -17.88 12.70 -17.73
CA VAL A 274 -19.04 12.39 -16.90
C VAL A 274 -19.00 13.34 -15.72
N GLY A 275 -20.01 14.21 -15.61
CA GLY A 275 -19.86 15.19 -14.55
C GLY A 275 -21.12 15.97 -14.33
N GLY A 276 -21.02 16.94 -13.40
CA GLY A 276 -22.14 17.81 -13.14
C GLY A 276 -21.76 18.89 -12.16
N ARG A 277 -22.75 19.71 -11.84
CA ARG A 277 -22.52 20.85 -10.97
C ARG A 277 -23.13 20.54 -9.62
N PHE A 278 -22.69 21.28 -8.60
CA PHE A 278 -23.14 21.05 -7.24
C PHE A 278 -23.11 22.36 -6.46
N ARG A 279 -23.90 22.37 -5.40
CA ARG A 279 -23.89 23.44 -4.40
C ARG A 279 -24.21 22.77 -3.08
N CYS A 280 -23.59 23.23 -2.00
CA CYS A 280 -23.96 22.76 -0.68
C CYS A 280 -23.58 23.84 0.33
N SER A 281 -24.00 23.63 1.57
CA SER A 281 -23.74 24.57 2.66
C SER A 281 -23.09 23.84 3.82
N CYS A 282 -22.02 24.43 4.37
CA CYS A 282 -21.21 23.72 5.36
C CYS A 282 -21.94 23.56 6.68
N TYR A 283 -21.72 22.42 7.33
CA TYR A 283 -22.34 22.15 8.62
C TYR A 283 -21.82 23.09 9.70
N GLY A 284 -20.54 23.43 9.65
CA GLY A 284 -19.95 24.17 10.75
C GLY A 284 -18.56 24.66 10.41
N SER A 285 -17.86 25.13 11.43
CA SER A 285 -16.50 25.60 11.28
C SER A 285 -15.55 24.42 11.20
N ALA A 286 -14.60 24.51 10.26
CA ALA A 286 -13.59 23.49 10.02
C ALA A 286 -12.70 23.97 8.89
N PRO A 287 -11.43 23.57 8.84
CA PRO A 287 -10.66 23.81 7.61
C PRO A 287 -11.21 22.92 6.50
N LEU A 288 -11.56 23.54 5.39
CA LEU A 288 -11.89 22.80 4.17
C LEU A 288 -10.62 22.25 3.54
N HIS A 289 -10.54 20.92 3.35
CA HIS A 289 -9.38 20.31 2.72
C HIS A 289 -9.58 20.01 1.24
N GLY A 290 -10.81 20.02 0.75
CA GLY A 290 -11.08 19.61 -0.61
C GLY A 290 -12.39 18.86 -0.66
N PHE A 291 -12.49 17.88 -1.55
CA PHE A 291 -13.72 17.13 -1.75
C PHE A 291 -13.45 15.64 -1.77
N ALA A 292 -14.45 14.86 -1.35
CA ALA A 292 -14.48 13.42 -1.56
C ALA A 292 -15.47 13.11 -2.67
N VAL A 293 -15.09 12.23 -3.59
CA VAL A 293 -15.97 11.73 -4.64
C VAL A 293 -16.19 10.25 -4.39
N TRP A 294 -17.43 9.79 -4.50
CA TRP A 294 -17.71 8.37 -4.37
C TRP A 294 -18.91 8.03 -5.25
N PHE A 295 -19.24 6.75 -5.33
CA PHE A 295 -20.32 6.29 -6.20
C PHE A 295 -21.18 5.27 -5.47
N GLN A 296 -22.32 4.99 -6.06
CA GLN A 296 -23.12 3.83 -5.72
C GLN A 296 -23.62 3.24 -7.02
N VAL A 297 -24.05 1.98 -6.96
CA VAL A 297 -24.72 1.35 -8.09
C VAL A 297 -26.04 0.81 -7.59
N THR A 298 -27.02 0.78 -8.49
CA THR A 298 -28.38 0.41 -8.14
C THR A 298 -28.83 -0.82 -8.91
N PHE A 299 -29.33 -1.84 -8.19
CA PHE A 299 -29.89 -3.02 -8.82
C PHE A 299 -31.40 -2.88 -9.06
N PRO A 300 -31.91 -3.21 -10.25
CA PRO A 300 -33.37 -3.12 -10.50
C PRO A 300 -34.13 -4.15 -9.69
N GLY A 301 -35.44 -4.24 -9.92
CA GLY A 301 -36.27 -5.21 -9.23
C GLY A 301 -36.55 -4.83 -7.79
N GLY A 302 -37.52 -5.54 -7.21
CA GLY A 302 -38.00 -5.16 -5.89
C GLY A 302 -38.80 -3.87 -5.97
N ASP A 303 -38.67 -3.04 -4.94
CA ASP A 303 -39.44 -1.80 -4.86
C ASP A 303 -38.95 -0.82 -5.93
N SER A 304 -39.89 -0.39 -6.80
CA SER A 304 -39.56 0.50 -7.92
C SER A 304 -39.17 1.91 -7.46
N GLU A 305 -39.45 2.26 -6.20
CA GLU A 305 -39.04 3.52 -5.59
C GLU A 305 -38.03 3.34 -4.46
N LYS A 306 -37.69 2.10 -4.10
CA LYS A 306 -36.64 1.79 -3.13
C LYS A 306 -35.90 0.53 -3.58
N PRO A 307 -35.06 0.64 -4.59
CA PRO A 307 -34.28 -0.51 -5.06
C PRO A 307 -33.01 -0.71 -4.25
N LEU A 308 -32.33 -1.83 -4.52
CA LEU A 308 -31.12 -2.19 -3.78
C LEU A 308 -29.90 -1.45 -4.28
N VAL A 309 -29.15 -0.87 -3.35
CA VAL A 309 -28.05 0.06 -3.62
C VAL A 309 -26.78 -0.48 -2.96
N LEU A 310 -25.68 -0.52 -3.71
CA LEU A 310 -24.35 -0.76 -3.21
C LEU A 310 -23.63 0.59 -3.18
N SER A 311 -23.36 1.10 -1.98
CA SER A 311 -22.80 2.43 -1.77
C SER A 311 -21.34 2.35 -1.35
N THR A 312 -20.53 3.31 -1.82
CA THR A 312 -19.19 3.50 -1.32
C THR A 312 -19.06 4.80 -0.53
N SER A 313 -20.17 5.28 0.02
CA SER A 313 -20.17 6.53 0.77
C SER A 313 -19.38 6.38 2.08
N PRO A 314 -18.64 7.43 2.48
CA PRO A 314 -18.04 7.43 3.83
C PRO A 314 -19.05 7.26 4.94
N LEU A 315 -20.30 7.61 4.68
CA LEU A 315 -21.38 7.47 5.66
C LEU A 315 -21.86 6.04 5.78
N HIS A 316 -21.45 5.15 4.88
CA HIS A 316 -21.94 3.78 4.82
C HIS A 316 -20.78 2.81 5.06
N PRO A 317 -21.04 1.52 5.30
CA PRO A 317 -19.93 0.60 5.59
C PRO A 317 -18.85 0.62 4.52
N ALA A 318 -17.62 0.44 4.98
CA ALA A 318 -16.45 0.58 4.12
C ALA A 318 -16.45 -0.49 3.03
N THR A 319 -15.86 -0.15 1.89
CA THR A 319 -15.61 -1.05 0.77
C THR A 319 -14.17 -0.86 0.36
N HIS A 320 -13.67 -1.78 -0.48
CA HIS A 320 -12.30 -1.69 -0.97
C HIS A 320 -12.10 -0.48 -1.89
N TRP A 321 -13.20 0.11 -2.40
CA TRP A 321 -13.04 1.30 -3.24
C TRP A 321 -12.72 2.56 -2.45
N LYS A 322 -12.98 2.57 -1.14
CA LYS A 322 -12.76 3.73 -0.26
C LYS A 322 -13.46 4.94 -0.89
N GLN A 323 -12.82 6.12 -0.93
CA GLN A 323 -13.31 7.28 -1.67
C GLN A 323 -12.15 7.90 -2.45
N ALA A 324 -12.48 8.75 -3.42
CA ALA A 324 -11.47 9.47 -4.19
C ALA A 324 -11.36 10.89 -3.66
N LEU A 325 -10.20 11.24 -3.09
CA LEU A 325 -10.02 12.53 -2.43
C LEU A 325 -9.35 13.54 -3.35
N LEU A 326 -9.92 14.74 -3.39
CA LEU A 326 -9.46 15.85 -4.22
C LEU A 326 -9.06 16.98 -3.28
N TYR A 327 -7.76 17.12 -3.01
CA TYR A 327 -7.30 18.10 -2.04
C TYR A 327 -7.02 19.44 -2.70
N LEU A 328 -7.50 20.49 -2.05
CA LEU A 328 -7.10 21.85 -2.42
C LEU A 328 -5.62 22.05 -2.12
N ASN A 329 -5.04 23.12 -2.70
CA ASN A 329 -3.60 23.37 -2.49
C ASN A 329 -3.29 23.68 -1.03
N GLU A 330 -4.23 24.21 -0.28
CA GLU A 330 -4.04 24.40 1.15
C GLU A 330 -5.42 24.46 1.80
N PRO A 331 -5.50 24.26 3.11
CA PRO A 331 -6.81 24.35 3.78
C PRO A 331 -7.41 25.74 3.63
N VAL A 332 -8.73 25.78 3.52
CA VAL A 332 -9.50 27.01 3.44
C VAL A 332 -10.42 27.04 4.66
N PRO A 333 -10.32 28.05 5.53
CA PRO A 333 -11.25 28.12 6.67
C PRO A 333 -12.66 28.42 6.19
N VAL A 334 -13.62 27.62 6.67
CA VAL A 334 -15.04 27.80 6.35
C VAL A 334 -15.85 27.76 7.63
N GLU A 335 -17.07 28.29 7.54
CA GLU A 335 -17.97 28.44 8.67
C GLU A 335 -19.31 27.77 8.39
N GLN A 336 -20.13 27.66 9.44
CA GLN A 336 -21.50 27.21 9.25
C GLN A 336 -22.17 28.03 8.16
N ASP A 337 -22.88 27.34 7.28
CA ASP A 337 -23.64 27.90 6.16
C ASP A 337 -22.76 28.58 5.12
N THR A 338 -21.44 28.39 5.19
CA THR A 338 -20.59 28.76 4.06
C THR A 338 -21.04 28.00 2.82
N ASP A 339 -21.28 28.74 1.75
CA ASP A 339 -21.74 28.15 0.48
C ASP A 339 -20.53 27.68 -0.32
N ILE A 340 -20.61 26.45 -0.82
CA ILE A 340 -19.59 25.91 -1.71
C ILE A 340 -20.31 25.38 -2.94
N SER A 341 -19.85 25.80 -4.12
CA SER A 341 -20.47 25.36 -5.36
C SER A 341 -19.39 25.03 -6.36
N GLY A 342 -19.77 24.33 -7.43
CA GLY A 342 -18.78 24.08 -8.45
C GLY A 342 -19.22 23.05 -9.45
N GLU A 343 -18.24 22.57 -10.22
CA GLU A 343 -18.48 21.59 -11.25
C GLU A 343 -17.34 20.57 -11.22
N ILE A 344 -17.69 19.31 -11.42
CA ILE A 344 -16.76 18.20 -11.32
C ILE A 344 -16.96 17.35 -12.55
N THR A 345 -15.89 17.05 -13.27
CA THR A 345 -15.96 16.26 -14.49
C THR A 345 -14.92 15.16 -14.46
N LEU A 346 -15.37 13.92 -14.65
CA LEU A 346 -14.52 12.75 -14.74
C LEU A 346 -14.22 12.49 -16.19
N LEU A 347 -12.94 12.42 -16.54
CA LEU A 347 -12.46 12.44 -17.91
C LEU A 347 -11.42 11.34 -18.09
N PRO A 348 -11.21 10.88 -19.32
CA PRO A 348 -10.04 10.05 -19.59
C PRO A 348 -8.79 10.91 -19.59
N SER A 349 -7.66 10.31 -19.22
CA SER A 349 -6.43 11.07 -19.34
C SER A 349 -5.96 11.04 -20.79
N PRO A 350 -5.30 12.10 -21.24
CA PRO A 350 -4.84 12.11 -22.65
C PRO A 350 -3.85 11.00 -22.94
N ASP A 351 -2.92 10.75 -22.02
CA ASP A 351 -1.93 9.70 -22.20
C ASP A 351 -2.55 8.30 -22.17
N ASN A 352 -3.69 8.15 -21.50
CA ASN A 352 -4.25 6.82 -21.27
C ASN A 352 -5.74 6.98 -21.01
N PRO A 353 -6.60 6.51 -21.90
CA PRO A 353 -8.06 6.66 -21.68
C PRO A 353 -8.56 5.93 -20.45
N ARG A 354 -7.80 4.97 -19.94
CA ARG A 354 -8.22 4.18 -18.78
C ARG A 354 -7.91 4.88 -17.47
N ARG A 355 -7.02 5.87 -17.50
CA ARG A 355 -6.54 6.56 -16.31
C ARG A 355 -7.46 7.74 -16.00
N LEU A 356 -8.06 7.74 -14.82
CA LEU A 356 -9.07 8.74 -14.50
C LEU A 356 -8.44 10.12 -14.28
N ARG A 357 -9.01 11.11 -14.94
CA ARG A 357 -8.75 12.52 -14.71
C ARG A 357 -10.01 13.19 -14.16
N ILE A 358 -9.85 14.12 -13.21
CA ILE A 358 -10.98 14.87 -12.70
C ILE A 358 -10.67 16.35 -12.76
N LEU A 359 -11.52 17.11 -13.45
CA LEU A 359 -11.41 18.56 -13.50
C LEU A 359 -12.39 19.12 -12.48
N LEU A 360 -11.86 19.84 -11.50
CA LEU A 360 -12.66 20.43 -10.43
C LEU A 360 -12.65 21.93 -10.59
N ARG A 361 -13.83 22.52 -10.70
CA ARG A 361 -14.00 23.96 -10.65
C ARG A 361 -14.82 24.26 -9.40
N TYR A 362 -14.39 25.22 -8.58
CA TYR A 362 -15.08 25.38 -7.31
C TYR A 362 -15.02 26.82 -6.80
N LYS A 363 -15.99 27.16 -5.96
CA LYS A 363 -16.10 28.49 -5.36
C LYS A 363 -16.50 28.33 -3.91
N VAL A 364 -15.66 28.80 -3.00
CA VAL A 364 -15.90 28.74 -1.56
C VAL A 364 -16.38 30.11 -1.11
N GLY A 365 -17.65 30.19 -0.70
CA GLY A 365 -18.31 31.43 -0.32
C GLY A 365 -17.84 32.69 -1.04
N ASP A 366 -17.08 33.51 -0.31
CA ASP A 366 -16.61 34.80 -0.80
C ASP A 366 -15.48 34.68 -1.80
N HIS A 367 -14.62 33.68 -1.63
CA HIS A 367 -13.41 33.61 -2.43
C HIS A 367 -13.75 33.54 -3.92
N GLU A 368 -12.77 33.87 -4.74
CA GLU A 368 -12.98 33.76 -6.17
C GLU A 368 -12.96 32.29 -6.59
N GLU A 369 -13.64 32.00 -7.69
CA GLU A 369 -13.65 30.66 -8.26
C GLU A 369 -12.23 30.22 -8.61
N LYS A 370 -11.92 28.96 -8.30
CA LYS A 370 -10.64 28.34 -8.66
C LYS A 370 -10.89 27.02 -9.36
N THR A 371 -9.83 26.52 -10.01
CA THR A 371 -9.89 25.21 -10.64
C THR A 371 -8.65 24.41 -10.26
N LYS A 372 -8.81 23.10 -10.20
CA LYS A 372 -7.68 22.21 -10.01
C LYS A 372 -7.91 20.98 -10.86
N ASP A 373 -6.84 20.48 -11.48
CA ASP A 373 -6.94 19.42 -12.47
C ASP A 373 -6.20 18.21 -11.91
N PHE A 374 -6.94 17.15 -11.55
CA PHE A 374 -6.38 15.99 -10.87
C PHE A 374 -6.27 14.78 -11.80
N ALA A 375 -5.32 13.90 -11.51
CA ALA A 375 -5.26 12.61 -12.19
C ALA A 375 -4.90 11.52 -11.19
N MET A 376 -5.44 10.33 -11.43
CA MET A 376 -5.06 9.15 -10.67
C MET A 376 -3.62 8.74 -10.98
N GLU A 377 -2.84 8.45 -9.93
CA GLU A 377 -1.50 7.90 -10.13
C GLU A 377 -1.54 6.37 -10.05
N TYR B 54 13.18 11.76 -0.69
CA TYR B 54 13.70 12.35 0.54
C TYR B 54 13.55 13.87 0.56
N SER B 55 13.26 14.45 -0.60
CA SER B 55 12.84 15.85 -0.64
C SER B 55 11.43 16.02 -0.09
N ASP B 56 10.70 14.92 0.10
CA ASP B 56 9.29 14.94 0.48
C ASP B 56 9.11 14.54 1.94
N VAL B 57 8.02 15.04 2.54
CA VAL B 57 7.81 14.93 3.98
C VAL B 57 7.47 13.49 4.40
N SER B 58 6.88 12.69 3.50
CA SER B 58 6.28 11.43 3.94
C SER B 58 7.31 10.47 4.53
N VAL B 59 8.48 10.35 3.91
CA VAL B 59 9.46 9.42 4.48
C VAL B 59 9.97 9.94 5.83
N HIS B 60 10.11 11.26 5.98
CA HIS B 60 10.62 11.78 7.25
C HIS B 60 9.57 11.67 8.34
N GLU B 61 8.31 11.87 7.99
CA GLU B 61 7.21 11.67 8.94
C GLU B 61 7.12 10.21 9.39
N GLU B 62 7.14 9.27 8.43
CA GLU B 62 7.22 7.86 8.78
C GLU B 62 8.39 7.59 9.72
N MET B 63 9.54 8.18 9.43
CA MET B 63 10.72 7.88 10.24
C MET B 63 10.51 8.31 11.68
N ILE B 64 10.09 9.57 11.87
CA ILE B 64 9.89 10.10 13.21
C ILE B 64 8.65 9.50 13.87
N ALA B 65 7.63 9.13 13.09
CA ALA B 65 6.45 8.50 13.67
C ALA B 65 6.70 7.05 14.07
N ASP B 66 7.79 6.44 13.62
CA ASP B 66 8.21 5.14 14.15
C ASP B 66 8.75 5.36 15.56
N GLN B 67 7.88 5.17 16.56
CA GLN B 67 8.24 5.53 17.93
C GLN B 67 9.34 4.64 18.50
N VAL B 68 9.35 3.35 18.16
CA VAL B 68 10.40 2.46 18.65
C VAL B 68 11.74 2.89 18.09
N ARG B 69 11.77 3.22 16.80
CA ARG B 69 13.02 3.68 16.18
C ARG B 69 13.50 4.97 16.82
N THR B 70 12.61 5.96 16.92
CA THR B 70 13.03 7.30 17.28
C THR B 70 13.42 7.38 18.76
N GLU B 71 12.66 6.71 19.63
CA GLU B 71 13.04 6.67 21.04
C GLU B 71 14.33 5.89 21.27
N ALA B 72 14.55 4.82 20.50
CA ALA B 72 15.81 4.09 20.65
C ALA B 72 17.00 4.95 20.21
N TYR B 73 16.87 5.68 19.10
CA TYR B 73 17.95 6.58 18.70
C TYR B 73 18.13 7.68 19.72
N ARG B 74 17.02 8.26 20.18
CA ARG B 74 17.12 9.30 21.20
C ARG B 74 17.90 8.80 22.42
N LEU B 75 17.56 7.62 22.90
CA LEU B 75 18.21 7.07 24.09
C LEU B 75 19.63 6.64 23.81
N GLY B 76 19.86 6.03 22.63
CA GLY B 76 21.23 5.66 22.27
C GLY B 76 22.16 6.86 22.29
N ILE B 77 21.64 8.02 21.90
CA ILE B 77 22.41 9.26 21.92
C ILE B 77 22.50 9.82 23.33
N LEU B 78 21.35 10.02 23.99
CA LEU B 78 21.38 10.71 25.28
C LEU B 78 22.12 9.90 26.33
N LYS B 79 22.01 8.56 26.27
CA LYS B 79 22.70 7.73 27.27
C LYS B 79 24.19 7.71 27.06
N ASN B 80 24.66 8.21 25.92
CA ASN B 80 26.07 8.37 25.66
C ASN B 80 26.56 9.78 25.94
N TRP B 81 25.87 10.51 26.82
CA TRP B 81 26.27 11.87 27.19
C TRP B 81 27.72 11.95 27.64
N ALA B 82 28.18 10.93 28.41
CA ALA B 82 29.58 10.95 28.86
C ALA B 82 30.55 10.98 27.69
N ALA B 83 30.32 10.14 26.68
CA ALA B 83 31.24 10.06 25.55
C ALA B 83 31.09 11.24 24.59
N LEU B 84 29.96 11.94 24.62
CA LEU B 84 29.68 13.00 23.65
C LEU B 84 29.93 14.39 24.21
N ARG B 85 29.94 14.55 25.53
CA ARG B 85 30.13 15.84 26.18
C ARG B 85 31.39 16.53 25.67
N GLY B 86 31.23 17.71 25.07
CA GLY B 86 32.38 18.45 24.57
C GLY B 86 33.00 17.92 23.31
N LYS B 87 32.39 16.92 22.67
CA LYS B 87 32.93 16.33 21.46
C LYS B 87 32.15 16.79 20.22
N THR B 88 32.73 16.51 19.07
CA THR B 88 32.15 16.89 17.78
C THR B 88 31.53 15.65 17.13
N VAL B 89 30.45 15.87 16.40
CA VAL B 89 29.65 14.81 15.80
C VAL B 89 29.38 15.15 14.33
N LEU B 90 29.39 14.13 13.49
CA LEU B 90 28.88 14.23 12.13
C LEU B 90 27.60 13.40 12.04
N ASP B 91 26.50 14.03 11.64
CA ASP B 91 25.23 13.35 11.42
C ASP B 91 25.14 13.09 9.91
N VAL B 92 25.30 11.83 9.52
CA VAL B 92 25.31 11.43 8.11
C VAL B 92 23.88 11.24 7.60
N GLY B 93 23.48 12.08 6.65
CA GLY B 93 22.11 12.06 6.17
C GLY B 93 21.15 12.50 7.26
N ALA B 94 21.32 13.75 7.72
CA ALA B 94 20.64 14.24 8.90
C ALA B 94 19.14 14.46 8.71
N GLY B 95 18.67 14.47 7.47
CA GLY B 95 17.23 14.58 7.24
C GLY B 95 16.71 15.91 7.75
N THR B 96 15.78 15.84 8.70
CA THR B 96 15.23 17.02 9.32
C THR B 96 16.10 17.56 10.46
N GLY B 97 17.18 16.87 10.81
CA GLY B 97 18.08 17.32 11.82
C GLY B 97 17.80 16.84 13.23
N ILE B 98 16.78 15.99 13.42
CA ILE B 98 16.32 15.66 14.76
C ILE B 98 17.41 14.99 15.58
N LEU B 99 18.17 14.09 14.96
CA LEU B 99 19.19 13.35 15.70
C LEU B 99 20.34 14.28 16.06
N SER B 100 20.65 15.22 15.17
CA SER B 100 21.67 16.22 15.48
C SER B 100 21.32 17.02 16.73
N ILE B 101 20.04 17.36 16.90
CA ILE B 101 19.63 18.10 18.07
C ILE B 101 19.67 17.23 19.33
N PHE B 102 19.33 15.93 19.21
CA PHE B 102 19.59 15.02 20.34
C PHE B 102 21.06 15.01 20.74
N CYS B 103 21.96 14.99 19.76
CA CYS B 103 23.40 15.02 20.07
C CYS B 103 23.79 16.29 20.83
N ALA B 104 23.18 17.43 20.47
CA ALA B 104 23.39 18.67 21.22
C ALA B 104 22.85 18.58 22.64
N GLN B 105 21.68 17.98 22.81
CA GLN B 105 21.18 17.79 24.18
C GLN B 105 22.08 16.86 24.98
N ALA B 106 22.72 15.89 24.33
CA ALA B 106 23.67 15.01 25.01
C ALA B 106 24.96 15.73 25.38
N GLY B 107 25.12 16.99 24.99
CA GLY B 107 26.28 17.78 25.35
C GLY B 107 27.37 17.88 24.30
N ALA B 108 27.14 17.40 23.07
CA ALA B 108 28.15 17.61 22.02
C ALA B 108 28.46 19.08 21.89
N ARG B 109 29.74 19.41 21.72
CA ARG B 109 30.07 20.83 21.49
C ARG B 109 29.78 21.28 20.06
N ARG B 110 29.73 20.37 19.10
CA ARG B 110 29.45 20.74 17.73
C ARG B 110 28.85 19.55 17.00
N VAL B 111 27.88 19.82 16.12
CA VAL B 111 27.33 18.80 15.22
C VAL B 111 27.31 19.34 13.79
N TYR B 112 27.95 18.62 12.89
CA TYR B 112 27.83 18.86 11.45
C TYR B 112 26.75 17.93 10.91
N ALA B 113 25.66 18.51 10.40
CA ALA B 113 24.53 17.74 9.90
C ALA B 113 24.54 17.82 8.38
N VAL B 114 24.96 16.73 7.74
CA VAL B 114 25.16 16.67 6.29
C VAL B 114 23.95 15.98 5.68
N GLU B 115 23.33 16.63 4.70
CA GLU B 115 22.10 16.12 4.10
C GLU B 115 22.11 16.46 2.62
N ALA B 116 22.00 15.44 1.78
CA ALA B 116 22.11 15.61 0.34
C ALA B 116 20.82 16.09 -0.31
N SER B 117 19.66 15.78 0.28
CA SER B 117 18.41 16.14 -0.38
C SER B 117 17.95 17.52 0.06
N ALA B 118 16.91 18.01 -0.62
CA ALA B 118 16.42 19.37 -0.41
C ALA B 118 15.89 19.59 1.01
N ILE B 119 15.59 18.51 1.74
CA ILE B 119 15.16 18.61 3.13
C ILE B 119 16.18 19.30 4.01
N TRP B 120 17.43 19.49 3.55
CA TRP B 120 18.39 20.22 4.36
C TRP B 120 17.91 21.62 4.68
N GLN B 121 17.14 22.24 3.78
CA GLN B 121 16.61 23.57 4.05
C GLN B 121 15.66 23.56 5.24
N GLN B 122 14.89 22.49 5.41
CA GLN B 122 14.02 22.42 6.60
C GLN B 122 14.83 22.16 7.87
N ALA B 123 15.89 21.34 7.78
CA ALA B 123 16.72 21.09 8.94
C ALA B 123 17.41 22.37 9.41
N ARG B 124 17.90 23.19 8.48
CA ARG B 124 18.44 24.50 8.83
C ARG B 124 17.43 25.33 9.61
N GLU B 125 16.17 25.31 9.17
CA GLU B 125 15.08 25.99 9.88
C GLU B 125 14.84 25.39 11.25
N VAL B 126 14.84 24.05 11.35
CA VAL B 126 14.63 23.38 12.63
C VAL B 126 15.72 23.74 13.62
N VAL B 127 16.97 23.65 13.18
CA VAL B 127 18.10 24.02 14.03
C VAL B 127 17.95 25.45 14.53
N ARG B 128 17.68 26.39 13.62
CA ARG B 128 17.50 27.80 14.00
C ARG B 128 16.36 27.94 14.99
N LEU B 129 15.23 27.28 14.72
CA LEU B 129 14.08 27.36 15.60
C LEU B 129 14.40 26.88 17.01
N ASN B 130 15.27 25.89 17.12
CA ASN B 130 15.62 25.33 18.42
C ASN B 130 16.79 26.05 19.09
N GLY B 131 17.29 27.15 18.50
CA GLY B 131 18.33 27.93 19.15
C GLY B 131 19.73 27.34 19.13
N LEU B 132 20.06 26.53 18.13
CA LEU B 132 21.29 25.73 18.10
C LEU B 132 22.15 26.05 16.89
N GLU B 133 21.88 27.14 16.19
CA GLU B 133 22.66 27.52 15.02
C GLU B 133 24.10 27.78 15.37
N ASP B 134 24.40 28.12 16.64
CA ASP B 134 25.80 28.32 17.01
C ASP B 134 26.56 27.01 17.07
N ARG B 135 25.87 25.86 17.15
CA ARG B 135 26.46 24.56 17.52
C ARG B 135 26.13 23.42 16.56
N VAL B 136 25.06 23.52 15.79
CA VAL B 136 24.63 22.50 14.85
C VAL B 136 24.60 23.16 13.48
N HIS B 137 25.42 22.67 12.57
CA HIS B 137 25.64 23.34 11.29
C HIS B 137 25.16 22.38 10.21
N VAL B 138 24.08 22.74 9.53
CA VAL B 138 23.58 21.96 8.41
C VAL B 138 24.40 22.27 7.17
N LEU B 139 24.98 21.24 6.56
CA LEU B 139 25.79 21.37 5.35
C LEU B 139 25.13 20.57 4.22
N PRO B 140 24.69 21.21 3.14
CA PRO B 140 23.96 20.48 2.09
C PRO B 140 24.91 19.66 1.24
N GLY B 141 24.39 18.59 0.66
CA GLY B 141 25.13 17.87 -0.34
C GLY B 141 25.55 16.51 0.18
N PRO B 142 26.13 15.70 -0.70
CA PRO B 142 26.51 14.34 -0.30
C PRO B 142 27.71 14.36 0.63
N VAL B 143 27.66 13.49 1.65
CA VAL B 143 28.73 13.41 2.63
C VAL B 143 30.05 12.99 1.98
N GLU B 144 29.98 12.35 0.80
CA GLU B 144 31.20 11.96 0.10
C GLU B 144 32.02 13.17 -0.32
N THR B 145 31.37 14.29 -0.66
CA THR B 145 32.08 15.45 -1.16
C THR B 145 31.89 16.71 -0.31
N VAL B 146 31.11 16.66 0.75
CA VAL B 146 31.03 17.85 1.60
C VAL B 146 32.35 17.99 2.35
N GLU B 147 32.76 19.23 2.58
CA GLU B 147 34.01 19.51 3.26
C GLU B 147 33.67 19.96 4.67
N LEU B 148 34.05 19.14 5.67
CA LEU B 148 33.90 19.49 7.06
C LEU B 148 35.10 20.32 7.51
N PRO B 149 34.95 21.16 8.54
CA PRO B 149 36.11 21.91 9.06
C PRO B 149 37.16 21.05 9.72
N GLU B 150 36.82 19.83 10.10
CA GLU B 150 37.65 19.02 11.00
C GLU B 150 37.11 17.60 11.00
N ARG B 151 37.97 16.67 11.39
CA ARG B 151 37.56 15.32 11.71
C ARG B 151 36.74 15.35 12.99
N VAL B 152 35.85 14.37 13.15
CA VAL B 152 34.89 14.38 14.26
C VAL B 152 35.16 13.24 15.22
N ASP B 153 34.74 13.45 16.48
CA ASP B 153 34.82 12.41 17.51
C ASP B 153 33.76 11.31 17.34
N ALA B 154 32.68 11.58 16.61
CA ALA B 154 31.54 10.66 16.59
C ALA B 154 30.77 10.81 15.30
N ILE B 155 30.14 9.72 14.87
CA ILE B 155 29.20 9.76 13.76
C ILE B 155 27.87 9.21 14.29
N VAL B 156 26.77 9.91 13.99
CA VAL B 156 25.43 9.36 14.19
C VAL B 156 24.81 9.22 12.81
N SER B 157 24.03 8.16 12.63
CA SER B 157 23.33 8.03 11.36
C SER B 157 22.21 7.03 11.50
N GLU B 158 21.08 7.33 10.85
CA GLU B 158 20.03 6.34 10.68
C GLU B 158 20.06 5.98 9.20
N TRP B 159 20.66 4.83 8.89
CA TRP B 159 20.98 4.46 7.52
C TRP B 159 20.30 3.18 7.04
N MET B 160 19.60 2.46 7.92
CA MET B 160 19.18 1.09 7.66
C MET B 160 18.00 1.07 6.69
N GLY B 161 18.01 0.11 5.76
CA GLY B 161 16.88 -0.15 4.91
C GLY B 161 16.13 -1.41 5.29
N TYR B 162 15.11 -1.71 4.49
CA TYR B 162 14.43 -2.98 4.66
C TYR B 162 15.43 -4.10 4.41
N GLY B 163 15.30 -5.18 5.18
CA GLY B 163 16.30 -6.24 5.13
C GLY B 163 17.68 -5.72 5.46
N LEU B 164 17.77 -4.64 6.24
CA LEU B 164 19.00 -3.94 6.60
C LEU B 164 19.64 -3.20 5.42
N LEU B 165 19.90 -3.89 4.31
CA LEU B 165 20.75 -3.34 3.26
C LEU B 165 20.04 -2.94 1.97
N HIS B 166 18.71 -3.05 1.90
CA HIS B 166 18.04 -2.63 0.68
C HIS B 166 18.01 -1.10 0.62
N GLU B 167 18.57 -0.54 -0.44
CA GLU B 167 18.54 0.92 -0.65
C GLU B 167 18.97 1.68 0.59
N SER B 168 19.98 1.18 1.29
CA SER B 168 20.41 1.74 2.55
C SER B 168 21.42 2.85 2.33
N MET B 169 21.71 3.59 3.39
CA MET B 169 22.77 4.58 3.41
C MET B 169 24.10 4.04 3.92
N LEU B 170 24.25 2.73 4.04
CA LEU B 170 25.45 2.23 4.72
C LEU B 170 26.72 2.69 4.00
N SER B 171 26.74 2.68 2.67
CA SER B 171 27.96 3.03 1.96
C SER B 171 28.44 4.43 2.32
N SER B 172 27.50 5.36 2.47
CA SER B 172 27.83 6.74 2.77
C SER B 172 28.34 6.87 4.19
N VAL B 173 27.80 6.08 5.12
CA VAL B 173 28.31 6.07 6.48
C VAL B 173 29.76 5.56 6.51
N LEU B 174 30.04 4.48 5.80
CA LEU B 174 31.40 3.96 5.71
C LEU B 174 32.37 4.98 5.07
N HIS B 175 31.93 5.65 4.01
CA HIS B 175 32.77 6.68 3.39
CA HIS B 175 32.78 6.67 3.40
C HIS B 175 33.09 7.78 4.39
N ALA B 176 32.06 8.27 5.11
CA ALA B 176 32.27 9.32 6.09
C ALA B 176 33.18 8.84 7.21
N ARG B 177 33.07 7.56 7.60
CA ARG B 177 33.91 7.05 8.67
C ARG B 177 35.38 7.12 8.25
N THR B 178 35.67 6.65 7.03
CA THR B 178 37.04 6.69 6.50
C THR B 178 37.56 8.12 6.47
N LYS B 179 36.74 9.04 5.96
CA LYS B 179 37.21 10.38 5.65
C LYS B 179 37.24 11.28 6.89
N TRP B 180 36.29 11.14 7.82
CA TRP B 180 36.10 12.16 8.86
C TRP B 180 36.13 11.66 10.30
N LEU B 181 35.97 10.37 10.57
CA LEU B 181 35.94 9.94 11.96
C LEU B 181 37.37 9.79 12.48
N LYS B 182 37.68 10.44 13.60
CA LYS B 182 38.96 10.25 14.27
C LYS B 182 39.11 8.79 14.69
N GLU B 183 40.36 8.38 14.92
CA GLU B 183 40.68 6.99 15.22
C GLU B 183 39.90 6.46 16.42
N GLY B 184 39.26 5.29 16.26
CA GLY B 184 38.44 4.74 17.33
C GLY B 184 37.23 5.56 17.72
N GLY B 185 36.85 6.54 16.89
CA GLY B 185 35.71 7.39 17.22
C GLY B 185 34.44 6.60 17.41
N LEU B 186 33.46 7.26 18.00
CA LEU B 186 32.20 6.65 18.39
C LEU B 186 31.22 6.58 17.22
N LEU B 187 30.59 5.43 17.02
CA LEU B 187 29.58 5.28 15.97
C LEU B 187 28.24 4.96 16.60
N LEU B 188 27.21 5.71 16.22
CA LEU B 188 25.89 5.60 16.83
C LEU B 188 24.85 5.32 15.75
N PRO B 189 24.39 4.06 15.58
CA PRO B 189 24.91 2.84 16.22
C PRO B 189 26.27 2.40 15.70
N ALA B 190 26.86 1.38 16.34
CA ALA B 190 28.21 0.93 16.01
C ALA B 190 28.22 -0.36 15.21
N SER B 191 27.13 -1.13 15.23
CA SER B 191 27.16 -2.45 14.63
C SER B 191 25.72 -2.83 14.33
N ALA B 192 25.57 -3.73 13.35
CA ALA B 192 24.30 -4.33 13.04
C ALA B 192 24.45 -5.84 13.13
N GLU B 193 23.43 -6.49 13.69
CA GLU B 193 23.35 -7.93 13.81
C GLU B 193 22.18 -8.44 12.97
N LEU B 194 22.42 -9.50 12.18
CA LEU B 194 21.39 -10.08 11.33
C LEU B 194 20.92 -11.41 11.92
N PHE B 195 19.59 -11.61 11.91
CA PHE B 195 18.94 -12.78 12.49
C PHE B 195 18.03 -13.45 11.48
N VAL B 196 17.93 -14.78 11.58
CA VAL B 196 17.02 -15.57 10.77
C VAL B 196 16.26 -16.53 11.68
N ALA B 197 15.02 -16.82 11.30
CA ALA B 197 14.21 -17.77 12.02
C ALA B 197 13.25 -18.41 11.04
N PRO B 198 13.04 -19.72 11.09
CA PRO B 198 11.99 -20.33 10.29
C PRO B 198 10.63 -19.88 10.82
N ILE B 199 9.65 -19.77 9.91
CA ILE B 199 8.37 -19.15 10.25
C ILE B 199 7.21 -19.99 9.73
N SER B 200 6.12 -19.97 10.47
CA SER B 200 4.80 -20.38 9.98
C SER B 200 3.93 -19.14 10.09
N ASP B 201 3.65 -18.53 8.93
CA ASP B 201 3.05 -17.20 8.83
C ASP B 201 1.53 -17.30 8.95
N GLN B 202 0.97 -16.87 10.10
CA GLN B 202 -0.45 -16.99 10.36
C GLN B 202 -1.28 -16.22 9.35
N MET B 203 -0.76 -15.08 8.90
CA MET B 203 -1.48 -14.28 7.91
C MET B 203 -1.55 -15.01 6.58
N LEU B 204 -0.42 -15.54 6.12
CA LEU B 204 -0.41 -16.34 4.91
C LEU B 204 -1.38 -17.51 5.02
N GLU B 205 -1.40 -18.20 6.17
CA GLU B 205 -2.35 -19.28 6.40
C GLU B 205 -3.78 -18.79 6.22
N TRP B 206 -4.11 -17.67 6.85
CA TRP B 206 -5.43 -17.06 6.71
C TRP B 206 -5.74 -16.76 5.24
N ARG B 207 -4.79 -16.15 4.53
CA ARG B 207 -4.98 -15.85 3.12
C ARG B 207 -5.18 -17.12 2.30
N LEU B 208 -4.39 -18.16 2.58
CA LEU B 208 -4.53 -19.41 1.84
C LEU B 208 -5.85 -20.10 2.16
N GLY B 209 -6.30 -20.01 3.41
CA GLY B 209 -7.54 -20.65 3.81
C GLY B 209 -8.81 -19.89 3.50
N PHE B 210 -8.67 -18.64 3.02
CA PHE B 210 -9.84 -17.83 2.67
C PHE B 210 -10.79 -18.55 1.72
N TRP B 211 -10.25 -19.19 0.68
CA TRP B 211 -11.06 -19.77 -0.39
C TRP B 211 -11.96 -20.88 0.10
N SER B 212 -11.53 -21.63 1.12
CA SER B 212 -12.33 -22.69 1.71
C SER B 212 -13.42 -22.14 2.61
N GLN B 213 -13.35 -20.85 2.94
CA GLN B 213 -14.34 -20.18 3.77
C GLN B 213 -15.43 -19.50 2.96
N VAL B 214 -15.29 -19.44 1.63
CA VAL B 214 -16.27 -18.73 0.83
C VAL B 214 -17.61 -19.47 0.84
N LYS B 215 -17.58 -20.81 0.91
CA LYS B 215 -18.84 -21.57 0.90
C LYS B 215 -19.71 -21.20 2.08
N GLN B 216 -19.09 -20.84 3.21
CA GLN B 216 -19.84 -20.42 4.38
C GLN B 216 -20.32 -18.97 4.19
N HIS B 217 -19.40 -18.07 3.80
CA HIS B 217 -19.73 -16.66 3.64
C HIS B 217 -20.83 -16.43 2.60
N TYR B 218 -20.84 -17.20 1.49
CA TYR B 218 -21.72 -16.85 0.37
C TYR B 218 -22.41 -18.02 -0.33
N GLY B 219 -22.27 -19.27 0.13
CA GLY B 219 -22.91 -20.38 -0.56
C GLY B 219 -22.30 -20.81 -1.87
N VAL B 220 -21.03 -20.49 -2.12
CA VAL B 220 -20.34 -20.91 -3.33
C VAL B 220 -19.04 -21.55 -2.90
N ASP B 221 -18.81 -22.78 -3.33
CA ASP B 221 -17.61 -23.49 -2.92
C ASP B 221 -16.43 -22.99 -3.76
N MET B 222 -15.39 -22.51 -3.10
CA MET B 222 -14.19 -22.12 -3.84
C MET B 222 -12.92 -22.77 -3.28
N SER B 223 -13.06 -23.95 -2.65
CA SER B 223 -11.90 -24.59 -2.03
C SER B 223 -10.82 -24.92 -3.06
N CYS B 224 -11.19 -25.12 -4.33
CA CYS B 224 -10.22 -25.49 -5.35
C CYS B 224 -9.22 -24.38 -5.61
N MET B 225 -9.51 -23.16 -5.20
CA MET B 225 -8.61 -22.02 -5.37
C MET B 225 -7.33 -22.12 -4.53
N GLU B 226 -7.27 -23.05 -3.55
CA GLU B 226 -6.18 -23.02 -2.57
C GLU B 226 -4.82 -23.30 -3.19
N SER B 227 -4.73 -24.32 -4.03
CA SER B 227 -3.45 -24.62 -4.68
C SER B 227 -3.01 -23.44 -5.53
N PHE B 228 -3.95 -22.82 -6.26
CA PHE B 228 -3.64 -21.64 -7.05
C PHE B 228 -3.12 -20.50 -6.17
N ALA B 229 -3.79 -20.23 -5.05
CA ALA B 229 -3.36 -19.14 -4.18
C ALA B 229 -1.98 -19.43 -3.59
N THR B 230 -1.72 -20.68 -3.24
CA THR B 230 -0.42 -21.07 -2.71
C THR B 230 0.67 -20.77 -3.73
N ARG B 231 0.48 -21.23 -4.97
CA ARG B 231 1.46 -20.93 -6.02
C ARG B 231 1.67 -19.43 -6.17
N CYS B 232 0.56 -18.66 -6.23
CA CYS B 232 0.68 -17.21 -6.36
C CYS B 232 1.41 -16.58 -5.19
N LEU B 233 1.08 -16.99 -3.96
CA LEU B 233 1.59 -16.27 -2.81
C LEU B 233 2.96 -16.74 -2.37
N MET B 234 3.36 -17.98 -2.71
CA MET B 234 4.70 -18.41 -2.33
C MET B 234 5.62 -18.79 -3.49
N GLY B 235 5.08 -19.04 -4.69
CA GLY B 235 5.93 -19.52 -5.78
C GLY B 235 6.86 -18.49 -6.38
N HIS B 236 6.63 -17.21 -6.08
CA HIS B 236 7.46 -16.11 -6.54
C HIS B 236 8.82 -16.12 -5.84
N SER B 237 9.70 -15.24 -6.29
CA SER B 237 11.04 -15.11 -5.74
C SER B 237 11.30 -13.71 -5.23
N GLU B 238 10.28 -13.02 -4.73
CA GLU B 238 10.42 -11.69 -4.17
C GLU B 238 10.59 -11.74 -2.66
N ILE B 239 11.42 -10.85 -2.12
CA ILE B 239 11.38 -10.61 -0.69
C ILE B 239 10.09 -9.88 -0.35
N VAL B 240 9.40 -10.36 0.69
CA VAL B 240 8.13 -9.79 1.14
C VAL B 240 8.39 -9.08 2.46
N VAL B 241 8.06 -7.80 2.53
CA VAL B 241 8.22 -7.05 3.76
C VAL B 241 6.89 -7.08 4.48
N GLN B 242 6.84 -7.73 5.63
CA GLN B 242 5.61 -7.92 6.36
C GLN B 242 5.96 -8.04 7.83
N ASP B 243 5.07 -7.57 8.72
CA ASP B 243 5.33 -7.75 10.13
C ASP B 243 4.68 -9.04 10.63
N LEU B 244 5.48 -9.80 11.35
CA LEU B 244 5.12 -11.06 11.96
C LEU B 244 5.01 -10.83 13.46
N SER B 245 4.44 -11.80 14.14
CA SER B 245 4.41 -11.80 15.60
C SER B 245 5.18 -13.00 16.10
N GLY B 246 5.35 -13.06 17.43
CA GLY B 246 6.04 -14.19 18.03
C GLY B 246 5.42 -15.53 17.68
N GLU B 247 4.11 -15.55 17.45
CA GLU B 247 3.42 -16.79 17.08
C GLU B 247 3.93 -17.36 15.76
N ASP B 248 4.50 -16.55 14.90
CA ASP B 248 4.94 -17.03 13.60
C ASP B 248 6.32 -17.70 13.64
N VAL B 249 7.06 -17.52 14.73
CA VAL B 249 8.43 -17.98 14.82
C VAL B 249 8.45 -19.46 15.19
N LEU B 250 9.06 -20.28 14.34
CA LEU B 250 9.04 -21.72 14.50
C LEU B 250 10.25 -22.30 15.19
N ALA B 251 11.29 -21.50 15.46
CA ALA B 251 12.47 -21.96 16.19
C ALA B 251 13.22 -20.75 16.73
N ARG B 252 14.13 -21.03 17.67
CA ARG B 252 14.94 -19.99 18.27
C ARG B 252 15.66 -19.18 17.18
N PRO B 253 15.55 -17.86 17.19
CA PRO B 253 16.24 -17.06 16.17
C PRO B 253 17.75 -17.29 16.23
N GLN B 254 18.38 -17.25 15.06
CA GLN B 254 19.82 -17.50 14.92
C GLN B 254 20.48 -16.25 14.36
N ARG B 255 21.48 -15.73 15.07
CA ARG B 255 22.30 -14.67 14.49
C ARG B 255 23.20 -15.30 13.44
N PHE B 256 23.14 -14.81 12.21
CA PHE B 256 23.97 -15.38 11.15
C PHE B 256 25.04 -14.43 10.59
N ALA B 257 25.01 -13.15 10.94
CA ALA B 257 26.10 -12.27 10.56
C ALA B 257 26.07 -11.03 11.43
N GLN B 258 27.18 -10.33 11.44
CA GLN B 258 27.33 -9.09 12.18
C GLN B 258 28.12 -8.13 11.31
N LEU B 259 27.81 -6.83 11.38
CA LEU B 259 28.53 -5.82 10.62
C LEU B 259 29.12 -4.83 11.61
N GLU B 260 30.45 -4.64 11.56
CA GLU B 260 31.14 -3.65 12.38
C GLU B 260 31.40 -2.41 11.52
N LEU B 261 30.70 -1.32 11.84
CA LEU B 261 30.77 -0.11 11.01
C LEU B 261 32.13 0.56 11.08
N ALA B 262 32.93 0.30 12.10
CA ALA B 262 34.27 0.91 12.13
C ALA B 262 35.22 0.34 11.07
N ARG B 263 34.94 -0.85 10.52
CA ARG B 263 35.94 -1.62 9.76
C ARG B 263 36.19 -1.01 8.38
N ALA B 264 37.47 -0.87 8.03
CA ALA B 264 37.84 -0.24 6.77
C ALA B 264 37.49 -1.09 5.54
N GLY B 265 37.56 -2.41 5.66
CA GLY B 265 37.25 -3.25 4.53
C GLY B 265 35.78 -3.58 4.33
N LEU B 266 34.89 -3.00 5.14
CA LEU B 266 33.51 -3.48 5.10
C LEU B 266 32.85 -3.15 3.78
N GLU B 267 33.20 -2.00 3.17
CA GLU B 267 32.47 -1.60 1.98
C GLU B 267 32.71 -2.58 0.84
N GLN B 268 33.97 -2.99 0.63
CA GLN B 268 34.25 -4.01 -0.38
C GLN B 268 33.63 -5.35 0.01
N GLU B 269 33.55 -5.66 1.31
CA GLU B 269 32.93 -6.92 1.74
C GLU B 269 31.45 -6.98 1.42
N LEU B 270 30.73 -5.86 1.50
CA LEU B 270 29.31 -5.87 1.18
C LEU B 270 29.09 -6.35 -0.25
N GLU B 271 29.97 -5.95 -1.17
CA GLU B 271 29.82 -6.31 -2.57
C GLU B 271 29.86 -7.82 -2.77
N ALA B 272 30.65 -8.53 -1.96
CA ALA B 272 30.72 -9.98 -2.05
C ALA B 272 29.58 -10.66 -1.32
N GLY B 273 28.84 -9.93 -0.52
CA GLY B 273 27.76 -10.47 0.28
C GLY B 273 28.16 -10.62 1.72
N VAL B 274 27.19 -10.40 2.61
CA VAL B 274 27.35 -10.66 4.04
C VAL B 274 26.33 -11.71 4.42
N GLY B 275 26.72 -12.63 5.29
CA GLY B 275 25.80 -13.65 5.75
C GLY B 275 26.59 -14.78 6.39
N GLY B 276 25.97 -15.95 6.39
CA GLY B 276 26.62 -17.11 6.97
C GLY B 276 25.62 -18.20 7.27
N ARG B 277 26.14 -19.24 7.91
CA ARG B 277 25.41 -20.47 8.17
C ARG B 277 24.48 -20.27 9.36
N PHE B 278 23.47 -21.15 9.45
CA PHE B 278 22.63 -21.21 10.64
C PHE B 278 22.17 -22.65 10.83
N ARG B 279 21.76 -22.97 12.05
CA ARG B 279 21.13 -24.23 12.39
C ARG B 279 20.12 -23.97 13.50
N CYS B 280 18.96 -24.62 13.42
CA CYS B 280 17.99 -24.53 14.51
C CYS B 280 17.12 -25.78 14.47
N SER B 281 16.29 -25.94 15.47
CA SER B 281 15.35 -27.06 15.51
C SER B 281 13.99 -26.55 15.93
N CYS B 282 12.96 -27.06 15.27
CA CYS B 282 11.63 -26.46 15.32
C CYS B 282 10.97 -26.66 16.68
N TYR B 283 10.08 -25.72 17.04
CA TYR B 283 9.37 -25.80 18.31
C TYR B 283 8.29 -26.88 18.31
N GLY B 284 7.72 -27.18 17.15
CA GLY B 284 6.59 -28.09 17.14
C GLY B 284 6.08 -28.30 15.73
N SER B 285 4.89 -28.91 15.66
CA SER B 285 4.27 -29.20 14.38
C SER B 285 3.64 -27.95 13.80
N ALA B 286 3.89 -27.72 12.54
CA ALA B 286 3.35 -26.58 11.81
C ALA B 286 3.78 -26.72 10.36
N PRO B 287 3.12 -26.02 9.44
CA PRO B 287 3.67 -25.94 8.08
C PRO B 287 4.74 -24.86 8.03
N LEU B 288 5.95 -25.26 7.67
CA LEU B 288 7.04 -24.31 7.43
C LEU B 288 6.76 -23.55 6.14
N HIS B 289 6.66 -22.22 6.23
CA HIS B 289 6.45 -21.37 5.05
C HIS B 289 7.72 -20.76 4.51
N GLY B 290 8.76 -20.69 5.30
CA GLY B 290 9.99 -20.07 4.87
C GLY B 290 10.72 -19.49 6.07
N PHE B 291 11.46 -18.42 5.82
CA PHE B 291 12.26 -17.79 6.85
C PHE B 291 11.99 -16.29 6.90
N ALA B 292 12.15 -15.72 8.09
CA ALA B 292 12.12 -14.29 8.27
C ALA B 292 13.54 -13.85 8.60
N VAL B 293 13.93 -12.71 8.01
CA VAL B 293 15.25 -12.12 8.24
C VAL B 293 15.01 -10.73 8.83
N TRP B 294 15.71 -10.42 9.91
CA TRP B 294 15.58 -9.12 10.52
C TRP B 294 16.93 -8.73 11.13
N PHE B 295 16.95 -7.54 11.68
CA PHE B 295 18.21 -6.99 12.14
C PHE B 295 18.00 -6.23 13.43
N GLN B 296 19.13 -5.96 14.09
CA GLN B 296 19.17 -5.02 15.18
C GLN B 296 20.41 -4.18 14.99
N VAL B 297 20.41 -2.97 15.55
CA VAL B 297 21.63 -2.16 15.64
C VAL B 297 21.89 -1.86 17.10
N THR B 298 23.18 -1.84 17.47
CA THR B 298 23.63 -1.68 18.85
C THR B 298 24.41 -0.37 18.97
N PHE B 299 24.04 0.43 19.95
CA PHE B 299 24.72 1.65 20.31
C PHE B 299 25.72 1.33 21.43
N PRO B 300 26.96 1.80 21.35
CA PRO B 300 27.89 1.65 22.47
C PRO B 300 27.25 2.11 23.77
N GLY B 301 27.59 1.45 24.87
CA GLY B 301 26.98 1.75 26.15
C GLY B 301 27.70 2.83 26.95
N LEU B 308 22.63 -0.79 24.44
CA LEU B 308 21.32 -0.31 23.94
C LEU B 308 21.13 -0.68 22.47
N VAL B 309 20.03 -1.39 22.20
CA VAL B 309 19.83 -2.12 20.96
C VAL B 309 18.48 -1.73 20.36
N LEU B 310 18.49 -1.30 19.09
CA LEU B 310 17.26 -1.14 18.32
C LEU B 310 17.01 -2.43 17.51
N SER B 311 15.94 -3.15 17.87
CA SER B 311 15.59 -4.45 17.30
C SER B 311 14.34 -4.35 16.43
N THR B 312 14.38 -5.04 15.29
CA THR B 312 13.22 -5.24 14.43
C THR B 312 12.75 -6.69 14.47
N SER B 313 13.07 -7.41 15.55
CA SER B 313 12.62 -8.78 15.72
C SER B 313 11.09 -8.83 15.79
N PRO B 314 10.48 -9.88 15.26
CA PRO B 314 9.02 -10.06 15.47
C PRO B 314 8.69 -10.29 16.93
N LEU B 315 9.68 -10.69 17.74
CA LEU B 315 9.51 -10.87 19.17
C LEU B 315 9.62 -9.56 19.95
N HIS B 316 9.87 -8.44 19.28
CA HIS B 316 9.99 -7.15 19.99
C HIS B 316 8.99 -6.17 19.39
N PRO B 317 8.80 -4.97 19.96
CA PRO B 317 7.73 -4.09 19.46
C PRO B 317 7.95 -3.70 18.00
N ALA B 318 6.84 -3.54 17.28
CA ALA B 318 6.92 -3.40 15.83
C ALA B 318 7.59 -2.09 15.43
N THR B 319 8.26 -2.13 14.29
CA THR B 319 8.89 -0.96 13.67
C THR B 319 8.46 -0.89 12.22
N HIS B 320 8.76 0.23 11.55
CA HIS B 320 8.38 0.36 10.14
C HIS B 320 9.20 -0.53 9.23
N TRP B 321 10.32 -1.09 9.71
CA TRP B 321 11.07 -2.04 8.89
C TRP B 321 10.39 -3.40 8.82
N LYS B 322 9.54 -3.72 9.78
CA LYS B 322 8.82 -5.02 9.81
C LYS B 322 9.90 -6.11 9.77
N GLN B 323 9.70 -7.19 9.00
CA GLN B 323 10.72 -8.19 8.73
C GLN B 323 10.72 -8.49 7.24
N ALA B 324 11.82 -9.08 6.76
CA ALA B 324 11.92 -9.52 5.35
C ALA B 324 11.60 -11.00 5.29
N LEU B 325 10.50 -11.36 4.61
CA LEU B 325 10.05 -12.73 4.55
C LEU B 325 10.54 -13.42 3.29
N LEU B 326 11.01 -14.65 3.44
CA LEU B 326 11.56 -15.48 2.36
C LEU B 326 10.74 -16.77 2.30
N TYR B 327 9.74 -16.78 1.41
CA TYR B 327 8.81 -17.90 1.32
C TYR B 327 9.36 -19.02 0.47
N LEU B 328 9.22 -20.26 0.97
CA LEU B 328 9.48 -21.43 0.15
C LEU B 328 8.42 -21.54 -0.94
N ASN B 329 8.69 -22.38 -1.96
CA ASN B 329 7.74 -22.53 -3.05
C ASN B 329 6.40 -23.08 -2.59
N GLU B 330 6.39 -23.94 -1.59
CA GLU B 330 5.14 -24.40 -0.98
C GLU B 330 5.43 -24.75 0.47
N PRO B 331 4.40 -24.87 1.30
CA PRO B 331 4.65 -25.18 2.71
C PRO B 331 5.29 -26.56 2.86
N VAL B 332 6.08 -26.73 3.93
CA VAL B 332 6.76 -27.98 4.21
C VAL B 332 6.40 -28.42 5.62
N PRO B 333 5.78 -29.58 5.80
CA PRO B 333 5.44 -30.02 7.17
C PRO B 333 6.71 -30.24 8.00
N VAL B 334 6.65 -29.78 9.26
CA VAL B 334 7.76 -29.95 10.20
C VAL B 334 7.16 -30.31 11.55
N GLU B 335 8.01 -30.87 12.40
CA GLU B 335 7.58 -31.31 13.72
C GLU B 335 8.57 -30.82 14.75
N GLN B 336 8.20 -31.02 16.02
CA GLN B 336 9.10 -30.71 17.12
C GLN B 336 10.46 -31.33 16.89
N ASP B 337 11.50 -30.51 17.01
CA ASP B 337 12.90 -30.91 16.89
C ASP B 337 13.31 -31.24 15.45
N THR B 338 12.45 -31.01 14.47
CA THR B 338 12.91 -31.04 13.08
C THR B 338 14.08 -30.10 12.90
N ASP B 339 15.16 -30.61 12.33
CA ASP B 339 16.37 -29.80 12.22
C ASP B 339 16.34 -29.01 10.92
N ILE B 340 16.63 -27.72 11.01
CA ILE B 340 16.78 -26.88 9.84
C ILE B 340 18.14 -26.21 9.91
N SER B 341 18.89 -26.32 8.83
CA SER B 341 20.19 -25.69 8.69
C SER B 341 20.22 -24.98 7.35
N GLY B 342 21.23 -24.13 7.16
CA GLY B 342 21.37 -23.49 5.87
C GLY B 342 22.31 -22.30 5.95
N GLU B 343 22.21 -21.47 4.92
CA GLU B 343 23.04 -20.27 4.79
C GLU B 343 22.21 -19.20 4.14
N ILE B 344 22.43 -17.96 4.57
CA ILE B 344 21.74 -16.80 4.04
C ILE B 344 22.82 -15.79 3.65
N THR B 345 22.73 -15.26 2.43
CA THR B 345 23.65 -14.20 2.01
C THR B 345 22.88 -13.01 1.50
N LEU B 346 23.18 -11.83 2.04
CA LEU B 346 22.64 -10.57 1.56
C LEU B 346 23.59 -9.98 0.52
N LEU B 347 23.09 -9.74 -0.69
CA LEU B 347 23.92 -9.33 -1.81
C LEU B 347 23.30 -8.14 -2.53
N PRO B 348 24.12 -7.30 -3.15
CA PRO B 348 23.57 -6.36 -4.13
C PRO B 348 23.06 -7.13 -5.34
N SER B 349 21.93 -6.71 -5.87
CA SER B 349 21.47 -7.40 -7.06
C SER B 349 22.28 -6.94 -8.27
N PRO B 350 22.43 -7.80 -9.29
CA PRO B 350 23.33 -7.45 -10.42
C PRO B 350 22.89 -6.22 -11.19
N ASP B 351 21.60 -6.09 -11.47
CA ASP B 351 21.09 -4.96 -12.23
C ASP B 351 21.18 -3.63 -11.47
N ASN B 352 21.32 -3.68 -10.15
CA ASN B 352 21.27 -2.47 -9.34
C ASN B 352 21.87 -2.74 -7.97
N PRO B 353 23.08 -2.24 -7.70
CA PRO B 353 23.76 -2.55 -6.43
C PRO B 353 22.99 -2.09 -5.21
N ARG B 354 22.10 -1.11 -5.38
CA ARG B 354 21.32 -0.60 -4.26
C ARG B 354 20.16 -1.54 -3.89
N ARG B 355 19.79 -2.44 -4.80
CA ARG B 355 18.64 -3.30 -4.58
C ARG B 355 19.11 -4.58 -3.89
N LEU B 356 18.36 -5.02 -2.88
CA LEU B 356 18.79 -6.14 -2.07
C LEU B 356 18.40 -7.47 -2.71
N ARG B 357 19.37 -8.37 -2.73
CA ARG B 357 19.19 -9.76 -3.12
C ARG B 357 19.54 -10.63 -1.91
N ILE B 358 18.80 -11.70 -1.70
CA ILE B 358 19.15 -12.65 -0.66
C ILE B 358 19.19 -14.03 -1.28
N LEU B 359 20.32 -14.70 -1.13
CA LEU B 359 20.47 -16.07 -1.59
C LEU B 359 20.26 -16.97 -0.38
N LEU B 360 19.28 -17.87 -0.49
CA LEU B 360 18.91 -18.79 0.58
C LEU B 360 19.26 -20.22 0.21
N ARG B 361 20.01 -20.88 1.08
CA ARG B 361 20.25 -22.31 0.99
C ARG B 361 19.73 -22.95 2.26
N TYR B 362 19.04 -24.08 2.13
CA TYR B 362 18.35 -24.60 3.31
C TYR B 362 18.08 -26.09 3.19
N LYS B 363 18.17 -26.77 4.33
CA LYS B 363 17.91 -28.20 4.44
C LYS B 363 16.95 -28.42 5.60
N VAL B 364 15.78 -28.95 5.30
CA VAL B 364 14.78 -29.25 6.31
C VAL B 364 14.85 -30.74 6.62
N GLY B 365 15.19 -31.07 7.87
CA GLY B 365 15.30 -32.45 8.33
C GLY B 365 15.93 -33.39 7.33
N ASP B 366 15.12 -34.33 6.83
CA ASP B 366 15.63 -35.32 5.89
C ASP B 366 15.69 -34.82 4.46
N HIS B 367 14.78 -33.91 4.08
CA HIS B 367 14.73 -33.44 2.70
C HIS B 367 16.11 -33.02 2.21
N GLU B 368 16.32 -33.08 0.91
CA GLU B 368 17.59 -32.67 0.36
C GLU B 368 17.74 -31.16 0.48
N GLU B 369 18.98 -30.69 0.35
CA GLU B 369 19.24 -29.26 0.42
C GLU B 369 18.69 -28.55 -0.81
N LYS B 370 18.07 -27.39 -0.58
CA LYS B 370 17.48 -26.62 -1.65
C LYS B 370 17.98 -25.18 -1.58
N THR B 371 17.74 -24.47 -2.67
CA THR B 371 18.16 -23.09 -2.83
C THR B 371 17.00 -22.28 -3.39
N LYS B 372 16.92 -21.03 -2.97
CA LYS B 372 15.98 -20.09 -3.56
C LYS B 372 16.64 -18.73 -3.53
N ASP B 373 16.46 -17.97 -4.60
CA ASP B 373 17.20 -16.73 -4.83
C ASP B 373 16.18 -15.61 -4.86
N PHE B 374 16.17 -14.76 -3.85
CA PHE B 374 15.13 -13.74 -3.69
C PHE B 374 15.68 -12.38 -4.07
N ALA B 375 14.80 -11.48 -4.51
CA ALA B 375 15.16 -10.07 -4.60
C ALA B 375 14.02 -9.22 -4.08
N MET B 376 14.33 -7.98 -3.71
CA MET B 376 13.34 -7.08 -3.16
C MET B 376 12.36 -6.56 -4.24
#